data_6IAL
#
_entry.id   6IAL
#
_cell.length_a   77.079
_cell.length_b   65.587
_cell.length_c   96.266
_cell.angle_alpha   90.00
_cell.angle_beta   108.64
_cell.angle_gamma   90.00
#
_symmetry.space_group_name_H-M   'P 1 21 1'
#
loop_
_entity.id
_entity.type
_entity.pdbx_description
1 polymer 'Heat-labile enterotoxin B chain'
2 branched beta-D-galactopyranose-(1-4)-2-acetamido-2-deoxy-beta-D-glucopyranose-(1-3)-[beta-D-galactopyranose-(1-4)-2-acetamido-2-deoxy-beta-D-glucopyranose-(1-6)]beta-D-galactopyranose-(1-4)-beta-D-glucopyranose
3 non-polymer GLYCEROL
4 non-polymer 'SODIUM ION'
5 non-polymer 'CALCIUM ION'
6 water water
#
_entity_poly.entity_id   1
_entity_poly.type   'polypeptide(L)'
_entity_poly.pdbx_seq_one_letter_code
;APQTITELCSEYRNTQIYTINDKILSYTESMAGKREMVIITFKSGETFQVEVPGSQHIDSQKKAIERMKDTLRITYLTET
KIDKLCVWNNKTPNSIAAISMKN
;
_entity_poly.pdbx_strand_id   D,E,F,G,H,A,B,C,I,J
#
loop_
_chem_comp.id
_chem_comp.type
_chem_comp.name
_chem_comp.formula
BGC D-saccharide, beta linking beta-D-glucopyranose 'C6 H12 O6'
CA non-polymer 'CALCIUM ION' 'Ca 2'
GAL D-saccharide, beta linking beta-D-galactopyranose 'C6 H12 O6'
GOL non-polymer GLYCEROL 'C3 H8 O3'
NA non-polymer 'SODIUM ION' 'Na 1'
NAG D-saccharide, beta linking 2-acetamido-2-deoxy-beta-D-glucopyranose 'C8 H15 N O6'
#
# COMPACT_ATOMS: atom_id res chain seq x y z
N ALA A 1 15.74 -19.19 -27.81
CA ALA A 1 16.18 -19.11 -26.43
C ALA A 1 15.19 -19.85 -25.53
N PRO A 2 15.59 -20.20 -24.28
CA PRO A 2 14.69 -20.84 -23.32
C PRO A 2 13.46 -19.97 -23.01
N GLN A 3 12.31 -20.59 -22.72
CA GLN A 3 11.08 -19.81 -22.44
C GLN A 3 10.64 -19.96 -20.99
N THR A 4 11.28 -20.84 -20.21
CA THR A 4 10.87 -21.17 -18.83
C THR A 4 12.10 -21.33 -17.95
N ILE A 5 11.89 -21.18 -16.65
CA ILE A 5 12.98 -21.37 -15.67
C ILE A 5 13.49 -22.81 -15.72
N THR A 6 12.61 -23.79 -15.93
CA THR A 6 13.04 -25.20 -16.02
C THR A 6 13.98 -25.38 -17.23
N GLU A 7 13.66 -24.83 -18.38
CA GLU A 7 14.50 -24.92 -19.60
C GLU A 7 15.85 -24.22 -19.34
N LEU A 8 15.81 -23.03 -18.77
CA LEU A 8 17.06 -22.28 -18.48
C LEU A 8 17.97 -23.10 -17.55
N CYS A 9 17.39 -23.66 -16.49
N CYS A 9 17.39 -23.65 -16.49
CA CYS A 9 18.13 -24.40 -15.43
CA CYS A 9 18.13 -24.40 -15.43
C CYS A 9 18.83 -25.61 -16.06
C CYS A 9 18.83 -25.61 -16.06
N SER A 10 18.17 -26.27 -17.01
CA SER A 10 18.65 -27.52 -17.63
C SER A 10 19.91 -27.28 -18.47
N GLU A 11 20.27 -26.02 -18.80
CA GLU A 11 21.42 -25.77 -19.70
C GLU A 11 22.77 -25.96 -19.00
N TYR A 12 22.77 -26.01 -17.66
CA TYR A 12 23.99 -25.91 -16.84
C TYR A 12 24.13 -27.17 -15.99
N ARG A 13 25.39 -27.56 -15.74
CA ARG A 13 25.76 -28.53 -14.71
C ARG A 13 25.57 -27.88 -13.34
N ASN A 14 25.33 -28.72 -12.35
CA ASN A 14 25.29 -28.35 -10.92
C ASN A 14 24.11 -27.43 -10.65
N THR A 15 23.01 -27.49 -11.42
CA THR A 15 21.81 -26.68 -11.10
C THR A 15 20.63 -27.59 -10.74
N GLN A 16 19.72 -27.07 -9.96
CA GLN A 16 18.51 -27.80 -9.49
C GLN A 16 17.37 -26.80 -9.42
N ILE A 17 16.17 -27.23 -9.74
CA ILE A 17 14.92 -26.46 -9.50
C ILE A 17 14.39 -26.79 -8.11
N TYR A 18 14.09 -25.77 -7.34
CA TYR A 18 13.31 -25.84 -6.09
C TYR A 18 11.93 -25.22 -6.36
N THR A 19 10.87 -25.96 -6.03
CA THR A 19 9.50 -25.42 -6.04
C THR A 19 9.26 -24.79 -4.66
N ILE A 20 8.98 -23.50 -4.64
CA ILE A 20 8.85 -22.71 -3.38
C ILE A 20 7.38 -22.44 -3.10
N ASN A 21 6.69 -21.79 -4.03
N ASN A 21 6.70 -21.79 -4.03
CA ASN A 21 5.27 -21.41 -3.89
CA ASN A 21 5.27 -21.39 -3.89
C ASN A 21 5.06 -20.66 -2.56
C ASN A 21 5.07 -20.67 -2.55
N ASP A 22 5.87 -19.66 -2.27
CA ASP A 22 5.78 -18.95 -0.96
C ASP A 22 6.49 -17.62 -0.99
N LYS A 23 6.07 -16.76 -0.08
N LYS A 23 6.07 -16.76 -0.08
CA LYS A 23 6.76 -15.48 0.16
CA LYS A 23 6.75 -15.47 0.17
C LYS A 23 8.01 -15.71 1.00
C LYS A 23 8.01 -15.71 1.00
N ILE A 24 8.96 -14.80 0.90
CA ILE A 24 10.22 -14.87 1.68
C ILE A 24 9.90 -14.56 3.15
N LEU A 25 10.37 -15.36 4.09
CA LEU A 25 10.25 -15.08 5.55
C LEU A 25 11.29 -14.03 5.99
N SER A 26 12.55 -14.20 5.61
CA SER A 26 13.60 -13.26 6.04
C SER A 26 14.54 -12.92 4.89
N TYR A 27 14.97 -11.68 4.88
CA TYR A 27 15.96 -11.11 3.93
C TYR A 27 17.14 -10.61 4.73
N THR A 28 18.34 -11.07 4.41
CA THR A 28 19.59 -10.68 5.07
C THR A 28 20.54 -10.13 4.02
N GLU A 29 21.15 -9.01 4.29
CA GLU A 29 22.08 -8.35 3.36
C GLU A 29 23.33 -8.00 4.15
N SER A 30 24.50 -8.34 3.61
CA SER A 30 25.80 -8.07 4.24
C SER A 30 26.69 -7.19 3.35
N MET A 31 27.36 -6.24 3.97
CA MET A 31 28.44 -5.46 3.32
C MET A 31 29.80 -5.77 3.94
N ALA A 32 29.90 -6.86 4.70
CA ALA A 32 31.15 -7.25 5.36
C ALA A 32 32.16 -7.73 4.30
N GLY A 33 33.41 -7.35 4.43
CA GLY A 33 34.44 -7.59 3.39
C GLY A 33 34.57 -9.05 3.01
N LYS A 34 34.52 -9.39 1.70
CA LYS A 34 34.58 -10.77 1.18
C LYS A 34 33.28 -11.54 1.36
N ARG A 35 32.27 -10.96 2.04
CA ARG A 35 30.96 -11.63 2.26
C ARG A 35 29.85 -10.65 1.88
N GLU A 36 30.02 -9.92 0.77
CA GLU A 36 28.97 -8.99 0.29
C GLU A 36 27.91 -9.87 -0.35
N MET A 37 26.94 -10.34 0.40
CA MET A 37 26.04 -11.43 -0.01
C MET A 37 24.64 -11.12 0.53
N VAL A 38 23.67 -11.78 -0.07
CA VAL A 38 22.27 -11.79 0.38
C VAL A 38 21.93 -13.20 0.80
N ILE A 39 21.19 -13.38 1.89
CA ILE A 39 20.59 -14.66 2.30
C ILE A 39 19.08 -14.48 2.38
N ILE A 40 18.31 -15.40 1.80
CA ILE A 40 16.84 -15.42 2.01
C ILE A 40 16.46 -16.74 2.65
N THR A 41 15.46 -16.71 3.53
CA THR A 41 14.91 -17.92 4.15
C THR A 41 13.39 -17.93 3.98
N PHE A 42 12.84 -19.13 3.98
CA PHE A 42 11.39 -19.41 3.91
C PHE A 42 10.94 -20.08 5.21
N LYS A 43 9.68 -19.92 5.57
CA LYS A 43 9.17 -20.53 6.83
C LYS A 43 9.25 -22.05 6.75
N SER A 44 9.19 -22.58 5.53
CA SER A 44 9.31 -24.03 5.25
C SER A 44 10.74 -24.52 5.51
N GLY A 45 11.70 -23.65 5.76
CA GLY A 45 13.05 -24.02 6.25
C GLY A 45 14.14 -23.86 5.23
N GLU A 46 13.85 -23.59 3.97
CA GLU A 46 14.90 -23.46 2.94
C GLU A 46 15.63 -22.12 3.09
N THR A 47 16.93 -22.15 2.91
CA THR A 47 17.82 -20.99 2.93
C THR A 47 18.59 -20.97 1.60
N PHE A 48 18.73 -19.79 1.00
CA PHE A 48 19.48 -19.61 -0.26
C PHE A 48 20.33 -18.35 -0.16
N GLN A 49 21.37 -18.29 -0.97
CA GLN A 49 22.21 -17.07 -1.05
C GLN A 49 22.17 -16.52 -2.48
N VAL A 50 22.49 -15.25 -2.56
CA VAL A 50 23.09 -14.63 -3.77
C VAL A 50 24.55 -14.38 -3.45
N GLU A 51 25.41 -15.00 -4.24
CA GLU A 51 26.85 -15.15 -4.00
C GLU A 51 27.52 -13.79 -4.10
N VAL A 52 28.65 -13.70 -3.43
CA VAL A 52 29.66 -12.62 -3.61
C VAL A 52 30.10 -12.62 -5.09
N PRO A 53 30.10 -11.46 -5.75
CA PRO A 53 30.62 -11.36 -7.12
C PRO A 53 32.07 -11.85 -7.24
N HIS A 57 33.99 -13.71 -12.51
CA HIS A 57 32.86 -12.95 -13.12
C HIS A 57 33.34 -11.73 -13.94
N ILE A 58 32.87 -11.58 -15.18
CA ILE A 58 33.01 -10.31 -15.97
C ILE A 58 31.97 -9.29 -15.45
N ASP A 59 32.02 -8.07 -15.96
CA ASP A 59 31.16 -6.93 -15.54
C ASP A 59 29.67 -7.27 -15.74
N SER A 60 29.27 -7.93 -16.83
CA SER A 60 27.85 -8.25 -17.10
C SER A 60 27.30 -9.20 -16.04
N GLN A 61 28.17 -10.08 -15.51
CA GLN A 61 27.76 -11.05 -14.47
C GLN A 61 27.65 -10.30 -13.14
N LYS A 62 28.54 -9.36 -12.88
CA LYS A 62 28.47 -8.54 -11.64
C LYS A 62 27.17 -7.71 -11.65
N LYS A 63 26.81 -7.10 -12.79
CA LYS A 63 25.56 -6.30 -12.88
C LYS A 63 24.35 -7.22 -12.63
N ALA A 64 24.36 -8.45 -13.13
CA ALA A 64 23.23 -9.38 -12.96
C ALA A 64 23.11 -9.79 -11.50
N ILE A 65 24.24 -9.95 -10.79
CA ILE A 65 24.22 -10.28 -9.34
C ILE A 65 23.59 -9.11 -8.57
N GLU A 66 23.96 -7.88 -8.91
CA GLU A 66 23.39 -6.69 -8.24
C GLU A 66 21.88 -6.63 -8.52
N ARG A 67 21.46 -6.93 -9.75
CA ARG A 67 20.03 -6.94 -10.11
C ARG A 67 19.30 -7.99 -9.27
N MET A 68 19.85 -9.20 -9.14
CA MET A 68 19.17 -10.27 -8.39
C MET A 68 19.00 -9.86 -6.92
N LYS A 69 20.01 -9.23 -6.34
CA LYS A 69 19.89 -8.75 -4.93
C LYS A 69 18.75 -7.71 -4.85
N ASP A 70 18.68 -6.79 -5.81
CA ASP A 70 17.60 -5.77 -5.87
C ASP A 70 16.24 -6.48 -5.95
N THR A 71 16.14 -7.49 -6.82
CA THR A 71 14.85 -8.21 -7.02
C THR A 71 14.44 -8.89 -5.71
N LEU A 72 15.35 -9.56 -5.02
CA LEU A 72 14.97 -10.26 -3.77
C LEU A 72 14.51 -9.25 -2.71
N ARG A 73 15.14 -8.09 -2.60
CA ARG A 73 14.74 -7.08 -1.60
C ARG A 73 13.31 -6.64 -1.86
N ILE A 74 12.98 -6.24 -3.08
CA ILE A 74 11.62 -5.70 -3.35
C ILE A 74 10.57 -6.85 -3.31
N THR A 75 10.96 -8.06 -3.70
CA THR A 75 10.08 -9.25 -3.58
C THR A 75 9.74 -9.45 -2.10
N TYR A 76 10.73 -9.41 -1.23
CA TYR A 76 10.52 -9.53 0.23
C TYR A 76 9.59 -8.42 0.71
N LEU A 77 9.87 -7.15 0.38
CA LEU A 77 9.12 -6.02 0.97
C LEU A 77 7.65 -6.02 0.51
N THR A 78 7.38 -6.53 -0.69
CA THR A 78 6.01 -6.57 -1.27
C THR A 78 5.29 -7.87 -0.89
N GLU A 79 5.94 -8.77 -0.16
CA GLU A 79 5.38 -10.08 0.27
C GLU A 79 4.92 -10.87 -0.96
N THR A 80 5.66 -10.76 -2.05
CA THR A 80 5.32 -11.44 -3.32
C THR A 80 5.73 -12.91 -3.27
N LYS A 81 4.85 -13.79 -3.73
CA LYS A 81 5.16 -15.24 -3.80
C LYS A 81 6.20 -15.54 -4.89
N ILE A 82 7.20 -16.34 -4.51
CA ILE A 82 8.16 -16.97 -5.44
C ILE A 82 7.60 -18.32 -5.87
N ASP A 83 7.60 -18.60 -7.17
CA ASP A 83 7.15 -19.92 -7.71
C ASP A 83 8.32 -20.88 -7.60
N LYS A 84 9.36 -20.70 -8.41
CA LYS A 84 10.53 -21.60 -8.45
C LYS A 84 11.82 -20.82 -8.29
N LEU A 85 12.85 -21.49 -7.80
CA LEU A 85 14.25 -21.03 -7.86
C LEU A 85 15.06 -22.05 -8.62
N CYS A 86 15.95 -21.58 -9.50
CA CYS A 86 17.01 -22.39 -10.11
C CYS A 86 18.27 -22.06 -9.30
N VAL A 87 18.88 -23.08 -8.69
CA VAL A 87 20.05 -22.82 -7.82
C VAL A 87 21.25 -23.65 -8.31
N TRP A 88 22.44 -23.12 -8.05
CA TRP A 88 23.69 -23.89 -8.05
C TRP A 88 23.71 -24.70 -6.76
N ASN A 89 23.63 -26.04 -6.91
CA ASN A 89 23.40 -26.94 -5.76
C ASN A 89 24.73 -27.40 -5.16
N ASN A 90 25.86 -26.92 -5.69
CA ASN A 90 27.21 -27.27 -5.21
C ASN A 90 27.69 -26.19 -4.24
N LYS A 91 26.92 -25.16 -3.97
CA LYS A 91 27.34 -24.03 -3.09
C LYS A 91 26.64 -24.15 -1.73
N THR A 92 27.20 -23.54 -0.69
CA THR A 92 26.58 -23.59 0.66
C THR A 92 26.36 -22.18 1.17
N PRO A 93 25.11 -21.77 1.43
CA PRO A 93 23.91 -22.48 1.02
C PRO A 93 23.75 -22.42 -0.50
N ASN A 94 22.79 -23.18 -1.03
N ASN A 94 22.79 -23.17 -1.03
CA ASN A 94 22.45 -23.17 -2.48
CA ASN A 94 22.53 -23.18 -2.49
C ASN A 94 22.35 -21.72 -2.99
C ASN A 94 22.35 -21.72 -2.99
N SER A 95 22.93 -21.48 -4.16
CA SER A 95 23.15 -20.12 -4.70
C SER A 95 22.17 -19.88 -5.82
N ILE A 96 21.45 -18.77 -5.82
CA ILE A 96 20.36 -18.52 -6.81
C ILE A 96 20.94 -18.10 -8.16
N ALA A 97 20.60 -18.86 -9.19
CA ALA A 97 20.91 -18.60 -10.61
C ALA A 97 19.70 -17.93 -11.29
N ALA A 98 18.49 -18.30 -10.91
CA ALA A 98 17.27 -17.72 -11.56
C ALA A 98 16.10 -17.81 -10.61
N ILE A 99 15.14 -16.93 -10.80
CA ILE A 99 13.93 -16.85 -9.97
C ILE A 99 12.72 -16.73 -10.89
N SER A 100 11.61 -17.38 -10.54
CA SER A 100 10.32 -17.17 -11.22
C SER A 100 9.26 -16.83 -10.19
N MET A 101 8.36 -15.93 -10.56
N MET A 101 8.36 -15.93 -10.56
CA MET A 101 7.27 -15.46 -9.68
CA MET A 101 7.27 -15.45 -9.67
C MET A 101 5.98 -15.56 -10.48
C MET A 101 5.98 -15.55 -10.47
N LYS A 102 4.92 -16.08 -9.84
CA LYS A 102 3.58 -16.26 -10.40
C LYS A 102 2.65 -16.33 -9.16
N ASN A 103 1.47 -15.73 -9.23
CA ASN A 103 0.39 -15.89 -8.21
C ASN A 103 0.80 -15.20 -6.90
N ALA B 1 8.43 13.61 -33.64
CA ALA B 1 8.60 12.26 -33.08
C ALA B 1 7.23 11.59 -32.95
N PRO B 2 7.18 10.25 -32.79
CA PRO B 2 5.92 9.54 -32.59
C PRO B 2 5.23 10.00 -31.30
N GLN B 3 3.90 9.91 -31.24
CA GLN B 3 3.15 10.33 -30.02
C GLN B 3 2.51 9.12 -29.33
N THR B 4 2.59 7.92 -29.93
CA THR B 4 1.98 6.70 -29.38
C THR B 4 2.91 5.51 -29.64
N ILE B 5 2.74 4.46 -28.88
CA ILE B 5 3.54 3.21 -29.09
C ILE B 5 3.20 2.62 -30.47
N THR B 6 1.97 2.72 -30.93
CA THR B 6 1.61 2.18 -32.28
C THR B 6 2.38 2.96 -33.37
N GLU B 7 2.45 4.29 -33.29
CA GLU B 7 3.20 5.12 -34.25
C GLU B 7 4.69 4.78 -34.18
N LEU B 8 5.24 4.66 -32.97
CA LEU B 8 6.67 4.36 -32.81
C LEU B 8 6.99 3.00 -33.45
N CYS B 9 6.15 2.00 -33.19
N CYS B 9 6.15 2.00 -33.19
CA CYS B 9 6.38 0.61 -33.64
CA CYS B 9 6.38 0.61 -33.64
C CYS B 9 6.35 0.55 -35.16
C CYS B 9 6.35 0.55 -35.17
N SER B 10 5.51 1.37 -35.81
CA SER B 10 5.35 1.39 -37.28
C SER B 10 6.63 1.88 -37.97
N GLU B 11 7.56 2.51 -37.24
CA GLU B 11 8.81 3.06 -37.84
C GLU B 11 9.85 1.97 -38.12
N TYR B 12 9.66 0.76 -37.62
CA TYR B 12 10.65 -0.36 -37.69
C TYR B 12 10.00 -1.53 -38.42
N ARG B 13 10.69 -2.11 -39.40
CA ARG B 13 10.17 -3.26 -40.17
C ARG B 13 10.07 -4.52 -39.29
N ASN B 14 11.08 -4.81 -38.44
CA ASN B 14 11.10 -6.09 -37.68
C ASN B 14 10.37 -5.97 -36.36
N THR B 15 9.47 -5.02 -36.18
CA THR B 15 8.69 -4.91 -34.94
C THR B 15 7.21 -5.13 -35.25
N GLN B 16 6.49 -5.60 -34.25
CA GLN B 16 5.02 -5.67 -34.30
C GLN B 16 4.43 -5.34 -32.94
N ILE B 17 3.21 -4.85 -32.94
CA ILE B 17 2.41 -4.58 -31.72
C ILE B 17 1.70 -5.85 -31.29
N TYR B 18 1.81 -6.16 -30.01
CA TYR B 18 0.90 -7.06 -29.29
C TYR B 18 0.06 -6.23 -28.33
N THR B 19 -1.26 -6.32 -28.45
CA THR B 19 -2.20 -5.65 -27.51
C THR B 19 -2.47 -6.63 -26.38
N ILE B 20 -2.13 -6.24 -25.17
CA ILE B 20 -2.14 -7.14 -23.96
C ILE B 20 -3.39 -6.86 -23.13
N ASN B 21 -3.57 -5.61 -22.69
CA ASN B 21 -4.71 -5.26 -21.79
C ASN B 21 -4.76 -6.23 -20.60
N ASP B 22 -3.63 -6.46 -19.92
CA ASP B 22 -3.59 -7.40 -18.78
C ASP B 22 -2.33 -7.13 -17.97
N LYS B 23 -2.34 -7.60 -16.73
CA LYS B 23 -1.13 -7.64 -15.89
C LYS B 23 -0.26 -8.84 -16.34
N ILE B 24 1.01 -8.78 -15.99
CA ILE B 24 1.96 -9.89 -16.21
C ILE B 24 1.56 -11.07 -15.31
N LEU B 25 1.48 -12.28 -15.88
CA LEU B 25 1.20 -13.49 -15.11
C LEU B 25 2.47 -13.99 -14.40
N SER B 26 3.58 -14.09 -15.12
CA SER B 26 4.83 -14.58 -14.51
C SER B 26 6.02 -13.75 -14.94
N TYR B 27 6.96 -13.61 -14.02
CA TYR B 27 8.22 -12.88 -14.17
C TYR B 27 9.34 -13.84 -13.85
N THR B 28 10.29 -14.02 -14.77
CA THR B 28 11.46 -14.90 -14.59
C THR B 28 12.71 -14.05 -14.83
N GLU B 29 13.67 -14.15 -13.94
CA GLU B 29 14.95 -13.43 -14.07
C GLU B 29 16.08 -14.43 -13.89
N SER B 30 17.01 -14.49 -14.85
CA SER B 30 18.07 -15.51 -14.87
C SER B 30 19.43 -14.85 -15.04
N MET B 31 20.41 -15.24 -14.24
N MET B 31 20.40 -15.25 -14.23
CA MET B 31 21.84 -14.89 -14.49
CA MET B 31 21.83 -14.89 -14.44
C MET B 31 22.63 -16.18 -14.65
C MET B 31 22.62 -16.17 -14.64
N ALA B 32 21.98 -17.26 -15.07
CA ALA B 32 22.69 -18.51 -15.40
C ALA B 32 23.52 -18.29 -16.68
N GLY B 33 24.75 -18.79 -16.70
CA GLY B 33 25.66 -18.65 -17.85
C GLY B 33 25.89 -17.18 -18.25
N LYS B 34 25.89 -16.87 -19.54
CA LYS B 34 26.74 -15.74 -20.06
C LYS B 34 25.89 -14.49 -20.21
N ARG B 35 24.57 -14.60 -20.44
CA ARG B 35 23.73 -13.39 -20.68
C ARG B 35 22.50 -13.40 -19.73
N GLU B 36 22.39 -12.33 -18.95
N GLU B 36 22.38 -12.34 -18.94
CA GLU B 36 21.25 -12.08 -18.03
CA GLU B 36 21.24 -12.08 -18.03
C GLU B 36 19.99 -12.00 -18.91
C GLU B 36 19.99 -12.01 -18.91
N MET B 37 18.91 -12.75 -18.63
CA MET B 37 17.65 -12.46 -19.33
CA MET B 37 17.65 -12.45 -19.33
C MET B 37 16.47 -12.38 -18.37
N VAL B 38 15.49 -11.62 -18.78
CA VAL B 38 14.20 -11.46 -18.08
C VAL B 38 13.13 -11.95 -19.04
N ILE B 39 12.25 -12.81 -18.57
CA ILE B 39 11.16 -13.40 -19.39
C ILE B 39 9.84 -13.13 -18.69
N ILE B 40 8.86 -12.61 -19.43
CA ILE B 40 7.50 -12.40 -18.89
C ILE B 40 6.50 -13.24 -19.69
N THR B 41 5.48 -13.73 -19.02
CA THR B 41 4.35 -14.43 -19.68
C THR B 41 3.03 -13.81 -19.24
N PHE B 42 2.04 -13.98 -20.09
CA PHE B 42 0.64 -13.56 -19.85
C PHE B 42 -0.27 -14.76 -19.84
N LYS B 43 -1.45 -14.59 -19.23
CA LYS B 43 -2.50 -15.65 -19.18
C LYS B 43 -2.87 -16.12 -20.59
N SER B 44 -2.75 -15.27 -21.60
CA SER B 44 -3.00 -15.62 -23.03
C SER B 44 -2.07 -16.73 -23.51
N GLY B 45 -0.92 -16.92 -22.84
CA GLY B 45 0.14 -17.84 -23.28
C GLY B 45 1.30 -17.14 -23.97
N GLU B 46 1.21 -15.84 -24.26
CA GLU B 46 2.29 -15.10 -24.96
C GLU B 46 3.47 -14.88 -24.00
N THR B 47 4.66 -15.02 -24.55
CA THR B 47 5.93 -14.95 -23.77
C THR B 47 6.87 -13.97 -24.47
N PHE B 48 7.55 -13.12 -23.70
CA PHE B 48 8.48 -12.10 -24.22
C PHE B 48 9.73 -12.02 -23.37
N GLN B 49 10.82 -11.50 -23.90
CA GLN B 49 12.11 -11.39 -23.18
C GLN B 49 12.66 -9.98 -23.30
N VAL B 50 13.54 -9.64 -22.36
CA VAL B 50 14.52 -8.54 -22.44
C VAL B 50 15.88 -9.17 -22.13
N GLU B 51 16.86 -9.01 -23.01
CA GLU B 51 18.26 -9.42 -22.79
C GLU B 51 19.17 -8.38 -23.44
N VAL B 52 20.42 -8.29 -22.98
CA VAL B 52 21.46 -7.55 -23.76
C VAL B 52 21.93 -8.47 -24.88
N PRO B 53 21.78 -8.08 -26.17
CA PRO B 53 22.34 -8.87 -27.26
C PRO B 53 23.86 -9.04 -27.12
N GLY B 54 24.39 -10.20 -27.50
CA GLY B 54 25.84 -10.47 -27.59
C GLY B 54 26.59 -9.38 -28.37
N SER B 55 26.01 -8.91 -29.47
CA SER B 55 26.63 -7.90 -30.39
C SER B 55 26.65 -6.49 -29.74
N GLN B 56 25.85 -6.25 -28.70
CA GLN B 56 25.53 -4.87 -28.25
C GLN B 56 26.57 -4.41 -27.22
N HIS B 57 27.36 -3.37 -27.54
CA HIS B 57 28.46 -2.89 -26.65
C HIS B 57 28.32 -1.41 -26.24
N ILE B 58 27.41 -0.64 -26.85
CA ILE B 58 27.30 0.83 -26.58
C ILE B 58 26.56 1.09 -25.25
N ASP B 59 27.15 1.96 -24.40
CA ASP B 59 26.72 2.16 -23.00
C ASP B 59 25.29 2.70 -22.94
N SER B 60 24.90 3.62 -23.82
CA SER B 60 23.54 4.24 -23.81
C SER B 60 22.48 3.17 -24.10
N GLN B 61 22.83 2.17 -24.91
CA GLN B 61 21.88 1.08 -25.29
C GLN B 61 21.77 0.13 -24.11
N LYS B 62 22.91 -0.12 -23.43
CA LYS B 62 22.88 -0.99 -22.22
C LYS B 62 22.04 -0.32 -21.13
N LYS B 63 22.15 0.98 -20.90
CA LYS B 63 21.34 1.70 -19.87
C LYS B 63 19.86 1.55 -20.19
N ALA B 64 19.45 1.63 -21.45
CA ALA B 64 18.01 1.51 -21.80
C ALA B 64 17.51 0.08 -21.53
N ILE B 65 18.35 -0.92 -21.79
CA ILE B 65 18.00 -2.34 -21.53
C ILE B 65 17.84 -2.54 -20.01
N GLU B 66 18.74 -1.98 -19.23
CA GLU B 66 18.64 -2.07 -17.73
C GLU B 66 17.37 -1.39 -17.27
N ARG B 67 17.03 -0.23 -17.83
CA ARG B 67 15.76 0.46 -17.47
C ARG B 67 14.56 -0.43 -17.79
N MET B 68 14.53 -1.06 -18.97
CA MET B 68 13.38 -1.88 -19.35
C MET B 68 13.24 -3.07 -18.37
N LYS B 69 14.34 -3.70 -17.99
CA LYS B 69 14.28 -4.80 -16.99
C LYS B 69 13.72 -4.29 -15.67
N ASP B 70 14.14 -3.09 -15.24
CA ASP B 70 13.62 -2.46 -14.00
C ASP B 70 12.11 -2.26 -14.15
N THR B 71 11.68 -1.73 -15.31
CA THR B 71 10.25 -1.44 -15.55
C THR B 71 9.43 -2.73 -15.49
N LEU B 72 9.89 -3.81 -16.13
CA LEU B 72 9.11 -5.06 -16.11
C LEU B 72 8.99 -5.60 -14.68
N ARG B 73 10.06 -5.52 -13.88
CA ARG B 73 10.01 -6.05 -12.49
C ARG B 73 8.98 -5.28 -11.69
N ILE B 74 9.03 -3.94 -11.71
CA ILE B 74 8.10 -3.15 -10.85
C ILE B 74 6.68 -3.23 -11.39
N THR B 75 6.50 -3.35 -12.71
CA THR B 75 5.17 -3.53 -13.32
C THR B 75 4.59 -4.85 -12.80
N TYR B 76 5.38 -5.92 -12.80
CA TYR B 76 4.93 -7.24 -12.28
C TYR B 76 4.54 -7.10 -10.80
N LEU B 77 5.43 -6.54 -9.98
CA LEU B 77 5.23 -6.55 -8.51
C LEU B 77 4.04 -5.67 -8.10
N THR B 78 3.73 -4.63 -8.86
CA THR B 78 2.61 -3.69 -8.58
C THR B 78 1.32 -4.17 -9.24
N GLU B 79 1.35 -5.27 -9.98
CA GLU B 79 0.16 -5.84 -10.69
C GLU B 79 -0.40 -4.79 -11.64
N THR B 80 0.48 -4.01 -12.27
CA THR B 80 0.06 -2.92 -13.18
C THR B 80 -0.33 -3.51 -14.54
N LYS B 81 -1.43 -3.03 -15.11
CA LYS B 81 -1.87 -3.50 -16.44
C LYS B 81 -0.96 -2.94 -17.55
N ILE B 82 -0.55 -3.82 -18.45
CA ILE B 82 0.15 -3.46 -19.71
CA ILE B 82 0.15 -3.46 -19.71
C ILE B 82 -0.90 -3.25 -20.80
N ASP B 83 -0.80 -2.15 -21.53
CA ASP B 83 -1.68 -1.84 -22.68
C ASP B 83 -1.11 -2.62 -23.88
N LYS B 84 0.02 -2.16 -24.42
CA LYS B 84 0.64 -2.76 -25.62
CA LYS B 84 0.64 -2.75 -25.62
C LYS B 84 2.13 -3.02 -25.41
N LEU B 85 2.65 -3.97 -26.16
CA LEU B 85 4.11 -4.19 -26.31
C LEU B 85 4.46 -4.04 -27.78
N CYS B 86 5.53 -3.31 -28.07
CA CYS B 86 6.18 -3.29 -29.39
C CYS B 86 7.38 -4.23 -29.32
N VAL B 87 7.40 -5.28 -30.12
CA VAL B 87 8.44 -6.35 -29.95
C VAL B 87 9.17 -6.60 -31.26
N TRP B 88 10.45 -6.93 -31.16
CA TRP B 88 11.25 -7.43 -32.29
C TRP B 88 10.85 -8.88 -32.53
N ASN B 89 10.44 -9.15 -33.76
CA ASN B 89 9.97 -10.51 -34.13
C ASN B 89 11.11 -11.27 -34.82
N ASN B 90 12.32 -10.77 -34.75
CA ASN B 90 13.59 -11.42 -35.22
C ASN B 90 13.95 -12.74 -34.52
N LYS B 91 13.56 -12.94 -33.26
CA LYS B 91 13.87 -14.12 -32.44
C LYS B 91 12.77 -14.41 -31.42
N THR B 92 12.83 -15.60 -30.83
CA THR B 92 11.85 -16.20 -29.91
C THR B 92 12.62 -16.54 -28.61
N PRO B 93 12.06 -16.18 -27.45
CA PRO B 93 10.85 -15.37 -27.40
C PRO B 93 11.12 -13.97 -28.00
N ASN B 94 10.09 -13.35 -28.49
CA ASN B 94 10.19 -11.97 -29.03
C ASN B 94 10.79 -11.09 -27.96
N SER B 95 11.64 -10.15 -28.37
N SER B 95 11.64 -10.15 -28.37
CA SER B 95 12.34 -9.19 -27.50
CA SER B 95 12.35 -9.19 -27.51
C SER B 95 11.59 -7.84 -27.44
C SER B 95 11.59 -7.84 -27.44
N ILE B 96 11.41 -7.31 -26.25
CA ILE B 96 10.58 -6.08 -26.06
C ILE B 96 11.34 -4.84 -26.48
N ALA B 97 10.82 -4.06 -27.40
CA ALA B 97 11.38 -2.75 -27.82
C ALA B 97 10.72 -1.59 -27.09
N ALA B 98 9.41 -1.70 -26.82
CA ALA B 98 8.69 -0.64 -26.09
C ALA B 98 7.52 -1.25 -25.36
N ILE B 99 7.12 -0.59 -24.30
CA ILE B 99 5.99 -1.01 -23.44
C ILE B 99 5.13 0.21 -23.19
N SER B 100 3.82 0.02 -23.18
CA SER B 100 2.86 1.07 -22.76
C SER B 100 1.98 0.51 -21.66
N MET B 101 1.69 1.35 -20.67
N MET B 101 1.69 1.35 -20.67
CA MET B 101 0.81 1.00 -19.54
CA MET B 101 0.82 0.99 -19.53
C MET B 101 -0.30 2.04 -19.44
C MET B 101 -0.30 2.03 -19.43
N LYS B 102 -1.53 1.54 -19.23
CA LYS B 102 -2.74 2.36 -19.12
C LYS B 102 -3.74 1.53 -18.29
N ASN B 103 -4.50 2.15 -17.40
CA ASN B 103 -5.69 1.54 -16.72
C ASN B 103 -5.19 0.52 -15.70
N ALA C 1 18.08 31.74 -6.64
CA ALA C 1 17.50 30.75 -7.58
C ALA C 1 15.98 30.85 -7.54
N PRO C 2 15.27 30.32 -8.56
CA PRO C 2 13.80 30.32 -8.57
C PRO C 2 13.24 29.52 -7.38
N GLN C 3 12.04 29.86 -6.92
CA GLN C 3 11.39 29.14 -5.80
C GLN C 3 10.16 28.37 -6.27
N THR C 4 9.76 28.50 -7.53
CA THR C 4 8.58 27.80 -8.09
C THR C 4 8.85 27.40 -9.53
N ILE C 5 8.11 26.44 -10.03
CA ILE C 5 8.27 25.97 -11.43
C ILE C 5 7.87 27.11 -12.37
N THR C 6 6.89 27.95 -12.03
CA THR C 6 6.50 29.06 -12.91
C THR C 6 7.67 30.04 -13.05
N GLU C 7 8.33 30.41 -11.93
CA GLU C 7 9.49 31.33 -11.97
C GLU C 7 10.63 30.68 -12.78
N LEU C 8 10.91 29.41 -12.53
CA LEU C 8 12.01 28.69 -13.22
C LEU C 8 11.75 28.70 -14.74
N CYS C 9 10.52 28.39 -15.15
N CYS C 9 10.53 28.38 -15.14
CA CYS C 9 10.16 28.22 -16.58
CA CYS C 9 10.16 28.22 -16.57
C CYS C 9 10.33 29.55 -17.30
C CYS C 9 10.33 29.55 -17.30
N SER C 10 10.05 30.68 -16.62
CA SER C 10 10.17 32.03 -17.20
C SER C 10 11.62 32.37 -17.55
N GLU C 11 12.60 31.65 -17.00
CA GLU C 11 14.06 31.97 -17.18
C GLU C 11 14.57 31.40 -18.50
N TYR C 12 13.81 30.55 -19.19
CA TYR C 12 14.30 29.76 -20.35
C TYR C 12 13.55 30.14 -21.63
N ARG C 13 14.26 30.25 -22.74
CA ARG C 13 13.61 30.48 -24.06
C ARG C 13 13.00 29.18 -24.54
N ASN C 14 11.92 29.29 -25.30
CA ASN C 14 11.24 28.16 -25.99
C ASN C 14 10.63 27.21 -24.95
N THR C 15 10.31 27.70 -23.75
CA THR C 15 9.62 26.91 -22.73
C THR C 15 8.26 27.54 -22.47
N GLN C 16 7.31 26.70 -22.11
CA GLN C 16 6.00 27.15 -21.60
C GLN C 16 5.54 26.24 -20.48
N ILE C 17 4.69 26.76 -19.62
CA ILE C 17 3.97 25.99 -18.57
C ILE C 17 2.72 25.38 -19.16
N TYR C 18 2.53 24.09 -18.92
CA TYR C 18 1.22 23.42 -19.00
C TYR C 18 0.77 23.08 -17.59
N THR C 19 -0.41 23.54 -17.22
CA THR C 19 -1.06 23.19 -15.94
C THR C 19 -1.83 21.91 -16.17
N ILE C 20 -1.49 20.86 -15.42
CA ILE C 20 -2.02 19.49 -15.64
C ILE C 20 -3.10 19.20 -14.59
N ASN C 21 -2.74 19.30 -13.31
CA ASN C 21 -3.66 18.99 -12.19
CA ASN C 21 -3.67 18.99 -12.19
C ASN C 21 -4.30 17.61 -12.41
N ASP C 22 -3.47 16.59 -12.72
CA ASP C 22 -4.02 15.24 -12.96
C ASP C 22 -2.90 14.22 -12.87
N LYS C 23 -3.32 12.97 -12.65
CA LYS C 23 -2.41 11.80 -12.74
CA LYS C 23 -2.41 11.80 -12.74
C LYS C 23 -2.16 11.48 -14.21
N ILE C 24 -1.07 10.80 -14.48
CA ILE C 24 -0.72 10.33 -15.85
C ILE C 24 -1.71 9.24 -16.25
N LEU C 25 -2.29 9.33 -17.44
CA LEU C 25 -3.21 8.31 -17.98
C LEU C 25 -2.41 7.14 -18.56
N SER C 26 -1.40 7.43 -19.38
CA SER C 26 -0.57 6.35 -19.97
C SER C 26 0.91 6.70 -19.93
N TYR C 27 1.71 5.66 -19.71
CA TYR C 27 3.17 5.70 -19.67
C TYR C 27 3.70 4.76 -20.75
N THR C 28 4.55 5.26 -21.63
CA THR C 28 5.21 4.49 -22.69
C THR C 28 6.72 4.65 -22.56
N GLU C 29 7.44 3.56 -22.63
CA GLU C 29 8.93 3.56 -22.56
C GLU C 29 9.44 2.74 -23.72
N SER C 30 10.36 3.32 -24.48
CA SER C 30 10.89 2.71 -25.72
C SER C 30 12.42 2.69 -25.66
N MET C 31 13.01 1.61 -26.09
CA MET C 31 14.46 1.52 -26.39
C MET C 31 14.68 1.22 -27.86
N ALA C 32 13.69 1.50 -28.71
N ALA C 32 13.66 1.46 -28.70
CA ALA C 32 13.90 1.52 -30.17
CA ALA C 32 13.69 1.05 -30.12
C ALA C 32 14.83 2.69 -30.54
C ALA C 32 14.68 1.91 -30.91
N GLY C 33 15.79 2.45 -31.43
N GLY C 33 14.79 3.21 -30.65
CA GLY C 33 16.78 3.45 -31.86
CA GLY C 33 15.76 4.09 -31.33
C GLY C 33 17.48 4.15 -30.69
C GLY C 33 16.77 4.60 -30.34
N LYS C 34 17.65 5.48 -30.81
CA LYS C 34 18.69 6.20 -30.00
C LYS C 34 18.07 7.29 -29.12
N ARG C 35 16.83 7.70 -29.40
N ARG C 35 16.83 7.71 -29.40
CA ARG C 35 16.18 8.77 -28.59
CA ARG C 35 16.16 8.76 -28.61
C ARG C 35 15.70 8.21 -27.25
C ARG C 35 15.70 8.21 -27.25
N GLU C 36 15.55 6.88 -27.14
CA GLU C 36 15.13 6.19 -25.88
C GLU C 36 13.93 6.88 -25.22
N MET C 37 12.86 7.04 -25.97
CA MET C 37 11.79 8.00 -25.58
C MET C 37 10.99 7.40 -24.41
N VAL C 38 10.58 8.27 -23.52
CA VAL C 38 9.45 8.05 -22.58
C VAL C 38 8.35 9.03 -22.99
N ILE C 39 7.15 8.52 -23.14
CA ILE C 39 5.98 9.33 -23.57
C ILE C 39 4.91 9.21 -22.48
N ILE C 40 4.38 10.33 -22.03
CA ILE C 40 3.23 10.32 -21.09
C ILE C 40 2.05 11.02 -21.74
N THR C 41 0.84 10.53 -21.47
CA THR C 41 -0.39 11.20 -21.92
C THR C 41 -1.34 11.38 -20.75
N PHE C 42 -2.20 12.38 -20.88
CA PHE C 42 -3.24 12.71 -19.90
C PHE C 42 -4.61 12.55 -20.53
N LYS C 43 -5.62 12.38 -19.68
CA LYS C 43 -7.04 12.32 -20.09
C LYS C 43 -7.44 13.56 -20.93
N SER C 44 -6.81 14.70 -20.70
CA SER C 44 -7.02 15.98 -21.45
C SER C 44 -6.72 15.79 -22.94
N GLY C 45 -5.91 14.78 -23.30
CA GLY C 45 -5.42 14.55 -24.67
C GLY C 45 -3.97 15.00 -24.86
N GLU C 46 -3.38 15.70 -23.90
CA GLU C 46 -2.02 16.23 -24.05
C GLU C 46 -0.99 15.12 -23.87
N THR C 47 0.03 15.19 -24.70
CA THR C 47 1.12 14.18 -24.77
C THR C 47 2.45 14.90 -24.62
N PHE C 48 3.38 14.33 -23.87
CA PHE C 48 4.74 14.90 -23.64
C PHE C 48 5.78 13.79 -23.69
N GLN C 49 7.03 14.17 -23.97
CA GLN C 49 8.14 13.20 -24.03
C GLN C 49 9.29 13.63 -23.16
N VAL C 50 10.12 12.66 -22.79
CA VAL C 50 11.49 12.84 -22.28
C VAL C 50 12.35 11.98 -23.19
N GLU C 51 13.36 12.56 -23.82
CA GLU C 51 14.16 11.88 -24.85
C GLU C 51 15.62 12.18 -24.60
N VAL C 52 16.51 11.34 -25.09
CA VAL C 52 17.95 11.74 -25.14
C VAL C 52 18.17 12.48 -26.46
N PRO C 53 18.50 13.79 -26.43
CA PRO C 53 18.81 14.49 -27.69
C PRO C 53 20.03 13.85 -28.39
N GLY C 54 20.03 13.80 -29.72
CA GLY C 54 21.20 13.41 -30.53
C GLY C 54 22.46 14.19 -30.16
N SER C 55 22.32 15.48 -29.89
CA SER C 55 23.45 16.41 -29.58
C SER C 55 24.00 16.15 -28.17
N GLN C 56 23.27 15.45 -27.29
CA GLN C 56 23.55 15.48 -25.83
C GLN C 56 24.59 14.42 -25.47
N HIS C 57 25.80 14.81 -25.08
CA HIS C 57 26.93 13.92 -24.70
C HIS C 57 27.45 14.17 -23.28
N ILE C 58 27.05 15.25 -22.61
CA ILE C 58 27.60 15.63 -21.26
C ILE C 58 26.99 14.75 -20.16
N ASP C 59 27.82 14.16 -19.29
CA ASP C 59 27.42 13.05 -18.38
C ASP C 59 26.37 13.55 -17.38
N SER C 60 26.52 14.76 -16.83
CA SER C 60 25.60 15.30 -15.79
C SER C 60 24.23 15.53 -16.41
N GLN C 61 24.17 15.84 -17.71
CA GLN C 61 22.88 16.07 -18.42
C GLN C 61 22.20 14.72 -18.65
N LYS C 62 23.00 13.71 -19.00
CA LYS C 62 22.46 12.33 -19.18
C LYS C 62 21.90 11.83 -17.84
N LYS C 63 22.60 12.03 -16.72
CA LYS C 63 22.10 11.58 -15.39
C LYS C 63 20.79 12.31 -15.05
N ALA C 64 20.63 13.58 -15.40
CA ALA C 64 19.40 14.33 -15.11
C ALA C 64 18.24 13.78 -15.95
N ILE C 65 18.51 13.41 -17.20
CA ILE C 65 17.48 12.79 -18.08
C ILE C 65 17.04 11.45 -17.49
N GLU C 66 18.00 10.65 -17.03
CA GLU C 66 17.67 9.33 -16.40
C GLU C 66 16.83 9.57 -15.14
N ARG C 67 17.17 10.57 -14.34
CA ARG C 67 16.36 10.90 -13.14
C ARG C 67 14.93 11.27 -13.55
N MET C 68 14.75 12.11 -14.57
CA MET C 68 13.40 12.54 -14.96
C MET C 68 12.58 11.33 -15.45
N LYS C 69 13.20 10.43 -16.20
CA LYS C 69 12.51 9.18 -16.63
C LYS C 69 12.09 8.36 -15.41
N ASP C 70 12.97 8.25 -14.42
CA ASP C 70 12.66 7.53 -13.15
C ASP C 70 11.47 8.21 -12.49
N THR C 71 11.46 9.54 -12.42
CA THR C 71 10.37 10.29 -11.77
C THR C 71 9.04 10.02 -12.48
N LEU C 72 9.03 10.07 -13.81
CA LEU C 72 7.75 9.85 -14.54
C LEU C 72 7.24 8.41 -14.29
N ARG C 73 8.11 7.42 -14.28
CA ARG C 73 7.68 6.02 -14.07
C ARG C 73 7.05 5.86 -12.69
N ILE C 74 7.71 6.33 -11.63
CA ILE C 74 7.17 6.12 -10.25
C ILE C 74 5.94 7.01 -10.04
N THR C 75 5.88 8.19 -10.67
CA THR C 75 4.69 9.06 -10.59
C THR C 75 3.52 8.30 -11.20
N TYR C 76 3.71 7.68 -12.36
CA TYR C 76 2.66 6.89 -13.02
C TYR C 76 2.20 5.75 -12.09
N LEU C 77 3.15 4.96 -11.59
CA LEU C 77 2.80 3.72 -10.84
C LEU C 77 2.11 4.04 -9.52
N THR C 78 2.43 5.17 -8.89
CA THR C 78 1.84 5.61 -7.59
C THR C 78 0.56 6.43 -7.81
N GLU C 79 0.16 6.66 -9.07
CA GLU C 79 -1.05 7.45 -9.40
C GLU C 79 -0.95 8.85 -8.80
N THR C 80 0.25 9.40 -8.76
CA THR C 80 0.50 10.73 -8.15
C THR C 80 0.08 11.84 -9.13
N LYS C 81 -0.62 12.85 -8.62
N LYS C 81 -0.61 12.85 -8.62
CA LYS C 81 -1.03 14.02 -9.41
CA LYS C 81 -1.02 14.02 -9.41
C LYS C 81 0.18 14.90 -9.78
C LYS C 81 0.17 14.90 -9.78
N ILE C 82 0.26 15.27 -11.06
CA ILE C 82 1.20 16.30 -11.56
C ILE C 82 0.49 17.65 -11.49
N ASP C 83 1.16 18.66 -10.93
CA ASP C 83 0.63 20.05 -10.89
C ASP C 83 0.92 20.68 -12.25
N LYS C 84 2.19 20.98 -12.54
CA LYS C 84 2.58 21.68 -13.78
C LYS C 84 3.75 20.96 -14.45
N LEU C 85 3.86 21.14 -15.76
CA LEU C 85 5.06 20.78 -16.54
C LEU C 85 5.58 22.05 -17.20
N CYS C 86 6.90 22.23 -17.16
CA CYS C 86 7.62 23.22 -17.97
C CYS C 86 8.20 22.48 -19.16
N VAL C 87 7.82 22.85 -20.38
CA VAL C 87 8.18 22.02 -21.58
C VAL C 87 8.84 22.89 -22.64
N TRP C 88 9.77 22.28 -23.38
CA TRP C 88 10.31 22.85 -24.63
C TRP C 88 9.26 22.67 -25.72
N ASN C 89 8.80 23.78 -26.28
CA ASN C 89 7.59 23.77 -27.15
C ASN C 89 8.00 23.69 -28.62
N ASN C 90 9.28 23.48 -28.91
CA ASN C 90 9.76 23.40 -30.32
C ASN C 90 9.82 21.92 -30.76
N LYS C 91 9.51 20.98 -29.87
CA LYS C 91 9.52 19.52 -30.21
C LYS C 91 8.08 19.00 -30.25
N THR C 92 7.82 17.96 -31.02
CA THR C 92 6.51 17.26 -31.06
C THR C 92 6.75 15.80 -30.74
N PRO C 93 6.17 15.24 -29.66
CA PRO C 93 5.46 16.00 -28.64
C PRO C 93 6.41 16.89 -27.84
N ASN C 94 5.86 17.85 -27.10
CA ASN C 94 6.69 18.79 -26.32
C ASN C 94 7.55 17.96 -25.35
N SER C 95 8.76 18.40 -25.12
CA SER C 95 9.79 17.74 -24.29
C SER C 95 9.83 18.35 -22.88
N ILE C 96 9.82 17.52 -21.83
CA ILE C 96 9.70 18.02 -20.44
C ILE C 96 11.05 18.56 -19.95
N ALA C 97 11.07 19.80 -19.53
CA ALA C 97 12.25 20.45 -18.88
C ALA C 97 12.13 20.38 -17.35
N ALA C 98 10.92 20.51 -16.81
CA ALA C 98 10.72 20.48 -15.35
C ALA C 98 9.32 19.99 -15.02
N ILE C 99 9.18 19.42 -13.84
CA ILE C 99 7.90 18.84 -13.36
C ILE C 99 7.66 19.32 -11.94
N SER C 100 6.42 19.62 -11.60
CA SER C 100 6.02 19.90 -10.20
C SER C 100 4.86 18.98 -9.83
N MET C 101 4.89 18.49 -8.59
N MET C 101 4.90 18.50 -8.59
CA MET C 101 3.80 17.66 -8.02
CA MET C 101 3.80 17.68 -8.01
C MET C 101 3.38 18.30 -6.69
C MET C 101 3.38 18.31 -6.69
N LYS C 102 2.06 18.39 -6.49
CA LYS C 102 1.43 18.96 -5.30
C LYS C 102 0.03 18.30 -5.24
N ASN C 103 -0.44 17.92 -4.07
CA ASN C 103 -1.85 17.51 -3.81
C ASN C 103 -2.09 16.13 -4.44
N ALA D 1 31.54 9.50 15.08
CA ALA D 1 30.67 10.34 14.22
C ALA D 1 29.52 10.90 15.05
N PRO D 2 28.83 11.96 14.58
CA PRO D 2 27.66 12.50 15.28
C PRO D 2 26.54 11.46 15.38
N GLN D 3 25.69 11.56 16.40
CA GLN D 3 24.59 10.57 16.62
C GLN D 3 23.22 11.17 16.38
N THR D 4 23.14 12.47 16.09
CA THR D 4 21.88 13.19 15.77
C THR D 4 22.15 14.24 14.71
N ILE D 5 21.09 14.66 14.03
CA ILE D 5 21.18 15.70 13.00
C ILE D 5 21.60 17.03 13.65
N THR D 6 21.16 17.30 14.88
CA THR D 6 21.54 18.57 15.55
C THR D 6 23.05 18.56 15.82
N GLU D 7 23.62 17.46 16.30
CA GLU D 7 25.09 17.35 16.55
C GLU D 7 25.83 17.50 15.21
N LEU D 8 25.37 16.82 14.16
CA LEU D 8 26.04 16.89 12.84
C LEU D 8 26.05 18.35 12.34
N CYS D 9 24.91 19.04 12.43
N CYS D 9 24.91 19.04 12.43
CA CYS D 9 24.73 20.41 11.90
CA CYS D 9 24.73 20.41 11.90
C CYS D 9 25.71 21.37 12.60
C CYS D 9 25.70 21.37 12.59
N SER D 10 25.93 21.15 13.89
N SER D 10 25.93 21.15 13.89
CA SER D 10 26.80 22.01 14.74
CA SER D 10 26.81 22.01 14.73
C SER D 10 28.27 21.93 14.28
C SER D 10 28.28 21.92 14.29
N GLU D 11 28.65 20.93 13.49
CA GLU D 11 30.07 20.72 13.07
C GLU D 11 30.45 21.66 11.91
N TYR D 12 29.50 22.35 11.28
CA TYR D 12 29.73 23.14 10.05
C TYR D 12 29.41 24.62 10.30
N ARG D 13 30.15 25.47 9.62
CA ARG D 13 29.85 26.92 9.48
C ARG D 13 28.70 27.06 8.49
N ASN D 14 27.91 28.10 8.65
CA ASN D 14 26.87 28.54 7.68
C ASN D 14 25.75 27.50 7.59
N THR D 15 25.52 26.72 8.63
CA THR D 15 24.40 25.78 8.68
C THR D 15 23.47 26.16 9.84
N GLN D 16 22.20 25.77 9.70
CA GLN D 16 21.25 25.86 10.81
C GLN D 16 20.21 24.75 10.67
N ILE D 17 19.60 24.41 11.78
CA ILE D 17 18.46 23.45 11.88
C ILE D 17 17.15 24.22 11.65
N TYR D 18 16.32 23.68 10.77
CA TYR D 18 14.88 23.98 10.69
C TYR D 18 14.10 22.78 11.22
N THR D 19 13.22 23.03 12.19
CA THR D 19 12.28 22.01 12.68
C THR D 19 11.03 22.11 11.81
N ILE D 20 10.71 21.04 11.09
CA ILE D 20 9.63 21.02 10.08
C ILE D 20 8.40 20.33 10.66
N ASN D 21 8.55 19.09 11.14
CA ASN D 21 7.40 18.33 11.70
C ASN D 21 6.24 18.31 10.68
N ASP D 22 6.50 18.02 9.41
CA ASP D 22 5.44 18.00 8.38
C ASP D 22 5.91 17.23 7.16
N LYS D 23 4.93 16.81 6.36
CA LYS D 23 5.19 16.25 5.03
C LYS D 23 5.51 17.35 4.04
N ILE D 24 6.18 16.99 2.95
CA ILE D 24 6.47 17.94 1.84
C ILE D 24 5.14 18.28 1.14
N LEU D 25 4.89 19.58 0.92
CA LEU D 25 3.71 20.05 0.16
C LEU D 25 3.95 19.91 -1.34
N SER D 26 5.09 20.37 -1.83
CA SER D 26 5.38 20.29 -3.28
C SER D 26 6.81 19.85 -3.54
N TYR D 27 6.97 19.12 -4.64
CA TYR D 27 8.25 18.62 -5.16
C TYR D 27 8.40 19.14 -6.59
N THR D 28 9.51 19.82 -6.87
CA THR D 28 9.83 20.35 -8.22
C THR D 28 11.19 19.79 -8.64
N GLU D 29 11.27 19.30 -9.86
CA GLU D 29 12.52 18.75 -10.43
C GLU D 29 12.74 19.41 -11.78
N SER D 30 13.92 20.00 -12.00
CA SER D 30 14.24 20.73 -13.24
C SER D 30 15.55 20.26 -13.83
N MET D 31 15.62 20.02 -15.13
CA MET D 31 16.89 19.78 -15.85
C MET D 31 17.10 20.88 -16.92
N ALA D 32 16.45 22.02 -16.75
CA ALA D 32 16.56 23.12 -17.73
C ALA D 32 17.96 23.77 -17.68
N GLY D 33 18.57 23.92 -16.48
CA GLY D 33 19.81 24.68 -16.32
C GLY D 33 21.04 23.83 -16.51
N LYS D 34 22.14 24.36 -15.98
CA LYS D 34 23.51 23.75 -16.02
C LYS D 34 23.63 22.62 -14.99
N ARG D 35 22.89 22.74 -13.89
CA ARG D 35 22.82 21.77 -12.80
C ARG D 35 21.33 21.45 -12.63
N GLU D 36 21.03 20.15 -12.50
CA GLU D 36 19.70 19.63 -12.13
C GLU D 36 19.36 20.25 -10.77
N MET D 37 18.17 20.83 -10.61
N MET D 37 18.17 20.84 -10.62
CA MET D 37 17.73 21.37 -9.29
CA MET D 37 17.67 21.46 -9.36
C MET D 37 16.45 20.70 -8.81
C MET D 37 16.46 20.69 -8.82
N VAL D 38 16.42 20.37 -7.53
CA VAL D 38 15.24 19.79 -6.88
C VAL D 38 14.86 20.77 -5.79
N ILE D 39 13.58 21.16 -5.77
CA ILE D 39 13.07 22.21 -4.83
C ILE D 39 11.88 21.59 -4.10
N ILE D 40 11.85 21.71 -2.78
CA ILE D 40 10.70 21.24 -1.97
C ILE D 40 10.13 22.44 -1.21
N THR D 41 8.81 22.44 -1.04
CA THR D 41 8.13 23.47 -0.21
C THR D 41 7.24 22.79 0.81
N PHE D 42 6.99 23.51 1.89
CA PHE D 42 6.10 23.09 2.99
C PHE D 42 4.93 24.06 3.10
N LYS D 43 3.85 23.61 3.71
N LYS D 43 3.85 23.61 3.71
CA LYS D 43 2.65 24.43 3.99
CA LYS D 43 2.65 24.44 3.99
C LYS D 43 3.01 25.70 4.78
C LYS D 43 3.02 25.70 4.77
N SER D 44 4.07 25.67 5.60
CA SER D 44 4.57 26.84 6.37
C SER D 44 5.00 27.98 5.43
N GLY D 45 5.31 27.66 4.17
CA GLY D 45 5.89 28.61 3.20
C GLY D 45 7.38 28.45 3.00
N GLU D 46 8.05 27.61 3.80
CA GLU D 46 9.50 27.41 3.69
C GLU D 46 9.82 26.57 2.45
N THR D 47 10.89 26.97 1.76
CA THR D 47 11.34 26.38 0.49
C THR D 47 12.81 26.03 0.65
N PHE D 48 13.21 24.87 0.15
CA PHE D 48 14.61 24.38 0.23
C PHE D 48 14.98 23.74 -1.10
N GLN D 49 16.28 23.66 -1.38
CA GLN D 49 16.80 23.06 -2.64
C GLN D 49 17.86 22.02 -2.34
N VAL D 50 18.19 21.18 -3.35
CA VAL D 50 19.43 20.39 -3.27
C VAL D 50 20.54 21.01 -4.12
N GLU D 51 21.64 21.33 -3.45
CA GLU D 51 22.91 21.74 -4.11
C GLU D 51 23.45 20.53 -4.90
N ILE D 58 34.09 15.94 -5.40
CA ILE D 58 34.67 14.57 -5.43
C ILE D 58 33.53 13.57 -5.69
N ASP D 59 33.86 12.33 -6.01
CA ASP D 59 32.87 11.28 -6.42
C ASP D 59 31.90 11.00 -5.27
N SER D 60 32.39 10.93 -4.02
CA SER D 60 31.55 10.62 -2.83
C SER D 60 30.50 11.72 -2.62
N GLN D 61 30.83 12.96 -2.97
CA GLN D 61 29.92 14.12 -2.80
C GLN D 61 28.86 14.03 -3.91
N LYS D 62 29.25 13.65 -5.12
CA LYS D 62 28.28 13.51 -6.24
C LYS D 62 27.29 12.40 -5.89
N LYS D 63 27.76 11.25 -5.38
CA LYS D 63 26.86 10.13 -5.02
C LYS D 63 25.88 10.59 -3.94
N ALA D 64 26.35 11.36 -2.95
CA ALA D 64 25.48 11.80 -1.83
C ALA D 64 24.43 12.78 -2.33
N ILE D 65 24.78 13.64 -3.30
CA ILE D 65 23.79 14.60 -3.88
C ILE D 65 22.69 13.82 -4.60
N GLU D 66 23.10 12.81 -5.38
CA GLU D 66 22.10 11.99 -6.10
C GLU D 66 21.20 11.26 -5.10
N ARG D 67 21.79 10.74 -4.03
CA ARG D 67 21.01 10.05 -2.98
C ARG D 67 20.01 11.01 -2.35
N MET D 68 20.41 12.23 -2.01
CA MET D 68 19.51 13.19 -1.35
C MET D 68 18.33 13.51 -2.27
N LYS D 69 18.60 13.70 -3.56
CA LYS D 69 17.48 13.97 -4.51
C LYS D 69 16.53 12.77 -4.54
N ASP D 70 17.07 11.56 -4.55
CA ASP D 70 16.24 10.33 -4.52
C ASP D 70 15.41 10.31 -3.23
N THR D 71 16.02 10.64 -2.10
CA THR D 71 15.33 10.63 -0.79
C THR D 71 14.19 11.63 -0.78
N LEU D 72 14.39 12.84 -1.29
CA LEU D 72 13.31 13.85 -1.26
C LEU D 72 12.14 13.39 -2.15
N ARG D 73 12.41 12.77 -3.30
CA ARG D 73 11.34 12.32 -4.20
C ARG D 73 10.48 11.26 -3.49
N ILE D 74 11.10 10.24 -2.92
CA ILE D 74 10.32 9.13 -2.31
C ILE D 74 9.65 9.60 -1.01
N THR D 75 10.28 10.52 -0.28
CA THR D 75 9.67 11.13 0.95
C THR D 75 8.40 11.86 0.51
N TYR D 76 8.47 12.64 -0.56
CA TYR D 76 7.27 13.34 -1.09
C TYR D 76 6.19 12.33 -1.46
N LEU D 77 6.53 11.32 -2.26
CA LEU D 77 5.50 10.41 -2.84
C LEU D 77 4.83 9.59 -1.74
N THR D 78 5.54 9.27 -0.66
CA THR D 78 5.02 8.45 0.46
C THR D 78 4.37 9.32 1.52
N GLU D 79 4.35 10.63 1.37
CA GLU D 79 3.76 11.60 2.33
C GLU D 79 4.42 11.39 3.71
N THR D 80 5.72 11.12 3.72
CA THR D 80 6.46 10.87 4.97
C THR D 80 6.78 12.20 5.66
N LYS D 81 6.59 12.24 6.98
N LYS D 81 6.59 12.24 6.97
CA LYS D 81 6.87 13.46 7.77
CA LYS D 81 6.88 13.46 7.77
C LYS D 81 8.38 13.65 7.92
C LYS D 81 8.38 13.65 7.92
N ILE D 82 8.85 14.87 7.65
CA ILE D 82 10.24 15.32 7.91
C ILE D 82 10.25 15.92 9.31
N ASP D 83 11.23 15.50 10.13
CA ASP D 83 11.43 16.04 11.49
C ASP D 83 12.22 17.33 11.33
N LYS D 84 13.50 17.22 10.99
CA LYS D 84 14.40 18.38 10.89
C LYS D 84 15.14 18.39 9.56
N LEU D 85 15.55 19.58 9.14
CA LEU D 85 16.53 19.77 8.06
C LEU D 85 17.70 20.55 8.61
N CYS D 86 18.91 20.13 8.24
CA CYS D 86 20.15 20.91 8.42
C CYS D 86 20.44 21.56 7.08
N VAL D 87 20.48 22.90 7.03
CA VAL D 87 20.60 23.60 5.73
C VAL D 87 21.77 24.56 5.75
N TRP D 88 22.38 24.73 4.58
CA TRP D 88 23.32 25.83 4.30
C TRP D 88 22.52 27.09 4.07
N ASN D 89 22.73 28.10 4.89
CA ASN D 89 21.86 29.32 4.90
C ASN D 89 22.47 30.42 4.04
N ASN D 90 23.56 30.12 3.32
CA ASN D 90 24.26 31.09 2.43
C ASN D 90 23.76 30.89 0.99
N LYS D 91 22.84 29.97 0.74
CA LYS D 91 22.20 29.79 -0.60
C LYS D 91 20.73 30.23 -0.50
N THR D 92 20.15 30.67 -1.62
CA THR D 92 18.71 31.03 -1.71
C THR D 92 18.10 30.23 -2.86
N PRO D 93 17.10 29.35 -2.62
CA PRO D 93 16.66 28.96 -1.29
C PRO D 93 17.76 28.17 -0.57
N ASN D 94 17.59 28.03 0.75
CA ASN D 94 18.60 27.31 1.57
C ASN D 94 18.75 25.90 0.99
N SER D 95 19.98 25.40 1.02
N SER D 95 19.98 25.40 1.02
CA SER D 95 20.40 24.10 0.44
CA SER D 95 20.39 24.10 0.44
C SER D 95 20.47 23.04 1.55
C SER D 95 20.47 23.04 1.55
N ILE D 96 19.90 21.86 1.29
CA ILE D 96 19.82 20.80 2.32
C ILE D 96 21.16 20.08 2.46
N ALA D 97 21.71 20.07 3.67
CA ALA D 97 22.93 19.31 4.06
C ALA D 97 22.54 17.97 4.69
N ALA D 98 21.44 17.92 5.43
CA ALA D 98 20.99 16.67 6.06
C ALA D 98 19.50 16.74 6.34
N ILE D 99 18.91 15.56 6.40
CA ILE D 99 17.44 15.41 6.63
C ILE D 99 17.26 14.35 7.72
N SER D 100 16.29 14.55 8.59
CA SER D 100 15.86 13.51 9.55
C SER D 100 14.35 13.33 9.41
N MET D 101 13.92 12.09 9.51
N MET D 101 13.92 12.08 9.51
CA MET D 101 12.49 11.71 9.43
CA MET D 101 12.49 11.72 9.44
C MET D 101 12.16 10.87 10.65
C MET D 101 12.17 10.87 10.66
N LYS D 102 11.05 11.18 11.32
CA LYS D 102 10.54 10.45 12.47
C LYS D 102 9.01 10.64 12.49
N ASN D 103 8.25 9.58 12.79
CA ASN D 103 6.78 9.65 13.05
C ASN D 103 6.03 9.96 11.74
N ALA E 1 29.73 -20.73 2.35
CA ALA E 1 29.40 -19.42 2.90
C ALA E 1 28.50 -19.59 4.11
N PRO E 2 28.39 -18.56 4.99
CA PRO E 2 27.49 -18.64 6.16
C PRO E 2 26.04 -18.82 5.73
N GLN E 3 25.21 -19.44 6.57
CA GLN E 3 23.77 -19.66 6.23
C GLN E 3 22.84 -18.78 7.06
N THR E 4 23.39 -18.01 8.04
CA THR E 4 22.61 -17.07 8.85
C THR E 4 23.45 -15.83 9.15
N ILE E 5 22.78 -14.76 9.54
CA ILE E 5 23.45 -13.51 9.96
C ILE E 5 24.35 -13.78 11.20
N THR E 6 23.89 -14.64 12.11
CA THR E 6 24.69 -14.96 13.32
C THR E 6 25.97 -15.66 12.93
N GLU E 7 25.93 -16.64 12.02
CA GLU E 7 27.14 -17.34 11.52
C GLU E 7 28.05 -16.35 10.80
N LEU E 8 27.51 -15.48 9.96
CA LEU E 8 28.33 -14.48 9.22
C LEU E 8 29.07 -13.59 10.23
N CYS E 9 28.36 -13.11 11.25
N CYS E 9 28.35 -13.11 11.24
CA CYS E 9 28.90 -12.17 12.25
CA CYS E 9 28.89 -12.17 12.26
C CYS E 9 30.08 -12.82 13.00
C CYS E 9 30.08 -12.84 13.00
N SER E 10 29.98 -14.12 13.28
N SER E 10 29.99 -14.13 13.28
CA SER E 10 31.01 -14.89 14.04
CA SER E 10 31.01 -14.89 14.03
C SER E 10 32.34 -14.97 13.25
C SER E 10 32.34 -14.98 13.25
N GLU E 11 32.35 -14.66 11.95
CA GLU E 11 33.56 -14.78 11.11
C GLU E 11 34.50 -13.59 11.28
N TYR E 12 34.09 -12.52 11.98
CA TYR E 12 34.84 -11.26 12.06
C TYR E 12 35.22 -10.95 13.50
N ARG E 13 36.34 -10.26 13.71
N ARG E 13 36.41 -10.36 13.66
CA ARG E 13 36.84 -9.94 15.06
CA ARG E 13 36.75 -9.60 14.87
C ARG E 13 35.98 -8.86 15.76
C ARG E 13 35.92 -8.31 14.90
N ASN E 14 35.62 -7.76 15.14
N ASN E 14 35.65 -7.86 16.10
CA ASN E 14 35.08 -6.66 15.99
CA ASN E 14 35.01 -6.54 16.31
C ASN E 14 33.58 -6.59 15.81
C ASN E 14 33.57 -6.57 15.83
N THR E 15 32.90 -7.72 15.66
CA THR E 15 31.45 -7.71 15.31
C THR E 15 30.61 -8.32 16.42
N GLN E 16 29.37 -7.89 16.50
CA GLN E 16 28.42 -8.35 17.52
C GLN E 16 27.02 -8.36 16.93
N ILE E 17 26.20 -9.34 17.31
CA ILE E 17 24.76 -9.41 16.94
C ILE E 17 23.94 -8.63 17.94
N TYR E 18 23.07 -7.77 17.43
CA TYR E 18 22.00 -7.11 18.21
C TYR E 18 20.68 -7.69 17.71
N THR E 19 19.86 -8.20 18.64
CA THR E 19 18.47 -8.57 18.33
C THR E 19 17.60 -7.32 18.52
N ILE E 20 16.95 -6.87 17.45
CA ILE E 20 16.19 -5.59 17.42
C ILE E 20 14.70 -5.90 17.50
N ASN E 21 14.19 -6.71 16.60
CA ASN E 21 12.74 -7.07 16.53
C ASN E 21 11.89 -5.78 16.54
N ASP E 22 12.21 -4.82 15.67
CA ASP E 22 11.44 -3.56 15.64
C ASP E 22 11.63 -2.84 14.32
N LYS E 23 10.69 -1.95 14.02
CA LYS E 23 10.83 -0.99 12.90
C LYS E 23 11.74 0.16 13.32
N ILE E 24 12.34 0.83 12.35
CA ILE E 24 13.18 2.02 12.57
C ILE E 24 12.31 3.18 13.07
N LEU E 25 12.71 3.84 14.15
CA LEU E 25 12.04 5.06 14.68
C LEU E 25 12.44 6.28 13.85
N SER E 26 13.75 6.48 13.62
CA SER E 26 14.21 7.68 12.87
C SER E 26 15.30 7.32 11.90
N TYR E 27 15.29 8.03 10.78
CA TYR E 27 16.24 7.91 9.66
C TYR E 27 16.87 9.27 9.43
N THR E 28 18.19 9.36 9.45
CA THR E 28 18.93 10.62 9.22
C THR E 28 19.94 10.36 8.10
N GLU E 29 19.96 11.22 7.12
CA GLU E 29 20.87 11.12 5.97
C GLU E 29 21.62 12.44 5.82
N SER E 30 22.95 12.38 5.71
CA SER E 30 23.79 13.56 5.52
C SER E 30 24.60 13.47 4.22
N MET E 31 24.68 14.58 3.49
CA MET E 31 25.60 14.74 2.35
C MET E 31 26.63 15.83 2.65
N ALA E 32 26.80 16.19 3.93
CA ALA E 32 27.78 17.20 4.34
C ALA E 32 29.17 16.58 4.19
N GLY E 33 30.12 17.40 3.69
CA GLY E 33 31.48 16.91 3.33
C GLY E 33 32.17 16.14 4.43
N LYS E 34 32.70 14.94 4.14
CA LYS E 34 33.37 14.03 5.08
C LYS E 34 32.40 13.34 6.05
N ARG E 35 31.10 13.61 5.93
CA ARG E 35 30.05 12.99 6.79
C ARG E 35 28.93 12.46 5.89
N GLU E 36 29.26 11.90 4.74
CA GLU E 36 28.24 11.30 3.84
C GLU E 36 27.81 10.00 4.49
N MET E 37 26.80 9.99 5.33
CA MET E 37 26.48 8.85 6.22
C MET E 37 24.98 8.80 6.45
N VAL E 38 24.54 7.66 6.96
CA VAL E 38 23.14 7.43 7.38
C VAL E 38 23.20 7.05 8.86
N ILE E 39 22.28 7.57 9.66
CA ILE E 39 22.09 7.16 11.07
C ILE E 39 20.65 6.67 11.25
N ILE E 40 20.46 5.54 11.90
CA ILE E 40 19.10 5.07 12.27
C ILE E 40 19.00 4.94 13.78
N THR E 41 17.83 5.17 14.34
CA THR E 41 17.54 4.92 15.76
C THR E 41 16.28 4.10 15.93
N PHE E 42 16.22 3.40 17.04
CA PHE E 42 15.05 2.58 17.45
C PHE E 42 14.46 3.12 18.74
N LYS E 43 13.17 2.89 18.96
CA LYS E 43 12.51 3.39 20.19
C LYS E 43 13.11 2.72 21.43
N SER E 44 13.67 1.54 21.27
CA SER E 44 14.37 0.78 22.36
C SER E 44 15.65 1.50 22.77
N GLY E 45 16.14 2.43 22.00
CA GLY E 45 17.27 3.31 22.43
C GLY E 45 18.50 3.13 21.57
N GLU E 46 18.59 2.12 20.71
CA GLU E 46 19.83 1.85 19.94
C GLU E 46 19.95 2.84 18.79
N THR E 47 21.15 3.29 18.53
CA THR E 47 21.54 4.12 17.36
C THR E 47 22.65 3.41 16.60
N PHE E 48 22.55 3.40 15.27
CA PHE E 48 23.55 2.76 14.38
C PHE E 48 23.84 3.66 13.20
N GLN E 49 25.02 3.47 12.59
CA GLN E 49 25.40 4.25 11.38
C GLN E 49 25.73 3.26 10.25
N VAL E 50 25.67 3.80 9.04
CA VAL E 50 26.45 3.30 7.88
C VAL E 50 27.55 4.32 7.64
N GLU E 51 28.79 3.82 7.72
CA GLU E 51 30.00 4.65 7.79
C GLU E 51 30.18 5.37 6.45
N VAL E 52 30.82 6.52 6.51
CA VAL E 52 31.46 7.22 5.37
C VAL E 52 32.46 6.26 4.71
N PRO E 53 32.40 6.05 3.38
CA PRO E 53 33.36 5.19 2.70
C PRO E 53 34.80 5.66 2.92
N GLY E 54 35.74 4.73 3.11
CA GLY E 54 37.13 5.05 3.49
C GLY E 54 38.05 3.86 3.23
N SER E 55 39.27 3.90 3.77
CA SER E 55 40.32 2.86 3.59
C SER E 55 39.99 1.56 4.32
N GLN E 56 39.06 1.58 5.26
CA GLN E 56 38.53 0.37 5.94
C GLN E 56 37.62 -0.48 5.02
N HIS E 57 37.40 -0.02 3.79
CA HIS E 57 36.50 -0.65 2.80
C HIS E 57 37.28 -1.06 1.54
N ILE E 58 37.23 -2.35 1.16
CA ILE E 58 37.79 -2.83 -0.14
C ILE E 58 36.82 -2.43 -1.26
N ASP E 59 37.21 -2.62 -2.52
CA ASP E 59 36.43 -2.15 -3.70
C ASP E 59 35.03 -2.80 -3.74
N SER E 60 34.93 -4.09 -3.41
CA SER E 60 33.65 -4.85 -3.42
C SER E 60 32.65 -4.26 -2.42
N GLN E 61 33.16 -3.69 -1.32
CA GLN E 61 32.31 -3.00 -0.34
C GLN E 61 31.80 -1.66 -0.85
N LYS E 62 32.30 -0.95 -1.84
CA LYS E 62 31.79 0.40 -2.20
C LYS E 62 30.29 0.28 -2.64
N LYS E 63 30.03 -0.65 -3.56
CA LYS E 63 28.65 -0.85 -4.08
C LYS E 63 27.77 -1.34 -2.92
N ALA E 64 28.31 -2.20 -2.02
CA ALA E 64 27.54 -2.76 -0.91
C ALA E 64 27.17 -1.67 0.09
N ILE E 65 28.02 -0.65 0.30
CA ILE E 65 27.70 0.47 1.23
C ILE E 65 26.50 1.25 0.63
N GLU E 66 26.53 1.49 -0.68
CA GLU E 66 25.43 2.21 -1.33
C GLU E 66 24.14 1.39 -1.22
N ARG E 67 24.23 0.08 -1.42
CA ARG E 67 23.07 -0.82 -1.30
C ARG E 67 22.51 -0.76 0.11
N MET E 68 23.36 -0.79 1.15
CA MET E 68 22.89 -0.83 2.53
C MET E 68 22.14 0.48 2.84
N LYS E 69 22.64 1.60 2.37
CA LYS E 69 21.93 2.89 2.57
C LYS E 69 20.56 2.83 1.88
N ASP E 70 20.49 2.30 0.68
CA ASP E 70 19.21 2.13 -0.05
C ASP E 70 18.25 1.25 0.80
N THR E 71 18.78 0.16 1.33
CA THR E 71 17.96 -0.79 2.13
C THR E 71 17.43 -0.11 3.39
N LEU E 72 18.25 0.64 4.09
CA LEU E 72 17.77 1.31 5.33
C LEU E 72 16.68 2.34 5.01
N ARG E 73 16.82 3.09 3.92
CA ARG E 73 15.81 4.11 3.56
C ARG E 73 14.46 3.43 3.31
N ILE E 74 14.43 2.39 2.46
CA ILE E 74 13.14 1.77 2.10
C ILE E 74 12.58 0.99 3.31
N THR E 75 13.45 0.42 4.14
CA THR E 75 13.00 -0.28 5.37
C THR E 75 12.29 0.74 6.28
N TYR E 76 12.90 1.92 6.46
CA TYR E 76 12.27 3.00 7.26
C TYR E 76 10.90 3.37 6.67
N LEU E 77 10.85 3.67 5.36
CA LEU E 77 9.63 4.24 4.75
C LEU E 77 8.49 3.22 4.79
N THR E 78 8.78 1.92 4.71
CA THR E 78 7.77 0.84 4.65
C THR E 78 7.44 0.34 6.07
N GLU E 79 8.08 0.89 7.11
CA GLU E 79 7.87 0.46 8.51
CA GLU E 79 7.86 0.46 8.52
C GLU E 79 8.13 -1.06 8.63
N THR E 80 9.12 -1.54 7.91
CA THR E 80 9.48 -2.97 7.92
C THR E 80 10.29 -3.30 9.18
N LYS E 81 9.95 -4.42 9.83
N LYS E 81 9.95 -4.41 9.83
CA LYS E 81 10.66 -4.83 11.06
CA LYS E 81 10.66 -4.83 11.06
C LYS E 81 12.05 -5.36 10.73
C LYS E 81 12.05 -5.36 10.73
N ILE E 82 13.05 -4.90 11.48
CA ILE E 82 14.41 -5.46 11.49
C ILE E 82 14.46 -6.52 12.58
N ASP E 83 14.95 -7.72 12.21
CA ASP E 83 15.14 -8.83 13.15
C ASP E 83 16.47 -8.60 13.87
N LYS E 84 17.58 -8.74 13.18
CA LYS E 84 18.92 -8.65 13.77
C LYS E 84 19.79 -7.68 12.97
N LEU E 85 20.74 -7.06 13.66
CA LEU E 85 21.87 -6.36 13.01
C LEU E 85 23.16 -7.04 13.45
N CYS E 86 24.08 -7.19 12.51
CA CYS E 86 25.49 -7.52 12.77
C CYS E 86 26.23 -6.20 12.66
N VAL E 87 26.89 -5.79 13.73
CA VAL E 87 27.55 -4.45 13.73
C VAL E 87 29.03 -4.59 14.06
N TRP E 88 29.82 -3.69 13.52
CA TRP E 88 31.19 -3.42 14.00
C TRP E 88 31.05 -2.61 15.27
N ASN E 89 31.47 -3.18 16.41
CA ASN E 89 31.17 -2.62 17.74
C ASN E 89 32.32 -1.69 18.17
N ASN E 90 33.31 -1.45 17.29
CA ASN E 90 34.48 -0.61 17.58
C ASN E 90 34.23 0.80 17.05
N LYS E 91 33.07 1.09 16.46
CA LYS E 91 32.77 2.43 15.88
C LYS E 91 31.80 3.21 16.72
N THR E 92 31.72 4.53 16.54
CA THR E 92 30.77 5.36 17.34
C THR E 92 29.86 6.13 16.42
N PRO E 93 28.56 5.85 16.32
CA PRO E 93 27.90 4.70 16.93
C PRO E 93 28.30 3.41 16.18
N ASN E 94 27.89 2.27 16.71
CA ASN E 94 28.07 0.94 16.08
C ASN E 94 27.66 1.03 14.58
N SER E 95 28.49 0.41 13.75
CA SER E 95 28.45 0.51 12.27
C SER E 95 27.83 -0.77 11.72
N ILE E 96 26.85 -0.69 10.84
CA ILE E 96 26.12 -1.89 10.36
C ILE E 96 26.96 -2.65 9.33
N ALA E 97 27.23 -3.93 9.60
CA ALA E 97 27.87 -4.87 8.65
C ALA E 97 26.81 -5.69 7.90
N ALA E 98 25.74 -6.08 8.59
CA ALA E 98 24.66 -6.86 7.94
C ALA E 98 23.35 -6.61 8.66
N ILE E 99 22.28 -6.80 7.92
CA ILE E 99 20.90 -6.59 8.41
C ILE E 99 20.07 -7.80 8.05
N SER E 100 19.19 -8.22 8.94
N SER E 100 19.18 -8.20 8.94
CA SER E 100 18.14 -9.22 8.62
CA SER E 100 18.14 -9.22 8.62
C SER E 100 16.78 -8.62 8.95
C SER E 100 16.78 -8.63 8.95
N MET E 101 15.85 -8.83 8.05
CA MET E 101 14.45 -8.35 8.20
C MET E 101 13.49 -9.55 8.17
N LYS E 102 12.60 -9.56 9.17
CA LYS E 102 11.68 -10.70 9.40
C LYS E 102 10.44 -10.14 10.11
N ASN E 103 9.25 -10.56 9.73
CA ASN E 103 7.98 -10.32 10.50
C ASN E 103 7.57 -8.88 10.31
N ALA F 1 -22.20 -30.26 -1.53
CA ALA F 1 -22.48 -28.85 -1.94
C ALA F 1 -21.55 -28.47 -3.08
N PRO F 2 -21.89 -27.41 -3.86
CA PRO F 2 -21.04 -26.95 -4.95
C PRO F 2 -19.65 -26.52 -4.47
N GLN F 3 -18.63 -26.66 -5.33
CA GLN F 3 -17.25 -26.26 -4.95
C GLN F 3 -16.81 -25.02 -5.74
N THR F 4 -17.54 -24.64 -6.80
CA THR F 4 -17.08 -23.63 -7.77
C THR F 4 -18.26 -22.77 -8.20
N ILE F 5 -17.93 -21.60 -8.70
CA ILE F 5 -18.96 -20.65 -9.22
C ILE F 5 -19.66 -21.28 -10.42
N THR F 6 -18.96 -22.04 -11.26
N THR F 6 -18.96 -22.05 -11.25
CA THR F 6 -19.59 -22.67 -12.45
CA THR F 6 -19.58 -22.68 -12.45
C THR F 6 -20.64 -23.67 -11.97
C THR F 6 -20.63 -23.69 -11.98
N GLU F 7 -20.32 -24.52 -10.97
CA GLU F 7 -21.30 -25.49 -10.40
C GLU F 7 -22.49 -24.73 -9.79
N LEU F 8 -22.22 -23.70 -9.02
CA LEU F 8 -23.29 -22.92 -8.33
C LEU F 8 -24.25 -22.34 -9.38
N CYS F 9 -23.69 -21.74 -10.44
N CYS F 9 -23.70 -21.73 -10.43
CA CYS F 9 -24.48 -21.02 -11.46
CA CYS F 9 -24.49 -21.02 -11.47
C CYS F 9 -25.41 -22.02 -12.18
C CYS F 9 -25.41 -22.02 -12.18
N SER F 10 -24.93 -23.25 -12.40
CA SER F 10 -25.69 -24.30 -13.13
C SER F 10 -26.94 -24.73 -12.34
N GLU F 11 -27.04 -24.42 -11.04
CA GLU F 11 -28.15 -24.91 -10.19
C GLU F 11 -29.41 -24.04 -10.38
N TYR F 12 -29.28 -22.86 -11.01
CA TYR F 12 -30.33 -21.82 -10.96
C TYR F 12 -30.89 -21.53 -12.34
N ARG F 13 -32.19 -21.23 -12.36
CA ARG F 13 -32.87 -20.66 -13.54
C ARG F 13 -32.45 -19.18 -13.67
N ASN F 14 -32.34 -18.72 -14.91
CA ASN F 14 -32.06 -17.32 -15.23
C ASN F 14 -30.64 -16.95 -14.84
N THR F 15 -29.69 -17.87 -14.64
CA THR F 15 -28.30 -17.45 -14.34
C THR F 15 -27.35 -17.93 -15.43
N GLN F 16 -26.31 -17.16 -15.65
CA GLN F 16 -25.31 -17.42 -16.72
C GLN F 16 -23.94 -16.97 -16.22
N ILE F 17 -22.88 -17.67 -16.61
CA ILE F 17 -21.49 -17.29 -16.30
C ILE F 17 -20.95 -16.34 -17.35
N TYR F 18 -20.36 -15.24 -16.90
CA TYR F 18 -19.47 -14.38 -17.71
C TYR F 18 -18.05 -14.58 -17.20
N THR F 19 -17.10 -14.95 -18.05
CA THR F 19 -15.67 -14.96 -17.71
C THR F 19 -15.13 -13.55 -17.99
N ILE F 20 -14.60 -12.90 -16.97
CA ILE F 20 -14.18 -11.49 -17.01
C ILE F 20 -12.66 -11.40 -17.14
N ASN F 21 -11.91 -12.04 -16.23
CA ASN F 21 -10.43 -12.02 -16.26
CA ASN F 21 -10.43 -12.01 -16.24
C ASN F 21 -9.94 -10.56 -16.33
N ASP F 22 -10.47 -9.68 -15.48
CA ASP F 22 -10.03 -8.26 -15.50
C ASP F 22 -10.45 -7.58 -14.20
N LYS F 23 -9.75 -6.48 -13.93
CA LYS F 23 -10.11 -5.57 -12.82
C LYS F 23 -11.30 -4.72 -13.24
N ILE F 24 -12.03 -4.19 -12.27
CA ILE F 24 -13.17 -3.27 -12.54
C ILE F 24 -12.63 -1.95 -13.08
N LEU F 25 -13.18 -1.45 -14.19
CA LEU F 25 -12.82 -0.13 -14.76
C LEU F 25 -13.52 0.98 -13.98
N SER F 26 -14.82 0.86 -13.75
CA SER F 26 -15.56 1.91 -13.02
C SER F 26 -16.51 1.31 -12.00
N TYR F 27 -16.69 2.02 -10.91
CA TYR F 27 -17.60 1.70 -9.80
C TYR F 27 -18.55 2.87 -9.61
N THR F 28 -19.85 2.61 -9.64
CA THR F 28 -20.90 3.65 -9.48
C THR F 28 -21.81 3.22 -8.34
N GLU F 29 -22.14 4.12 -7.46
CA GLU F 29 -22.99 3.85 -6.29
C GLU F 29 -24.04 4.95 -6.23
N SER F 30 -25.29 4.56 -6.07
CA SER F 30 -26.44 5.49 -5.96
C SER F 30 -27.16 5.33 -4.63
N MET F 31 -27.51 6.47 -4.02
CA MET F 31 -28.43 6.50 -2.86
C MET F 31 -29.75 7.19 -3.24
N ALA F 32 -30.01 7.35 -4.53
CA ALA F 32 -31.26 7.98 -5.01
C ALA F 32 -32.43 7.02 -4.74
N GLY F 33 -33.54 7.57 -4.29
CA GLY F 33 -34.72 6.76 -3.83
C GLY F 33 -35.22 5.78 -4.87
N LYS F 34 -35.38 4.49 -4.51
CA LYS F 34 -35.82 3.39 -5.40
C LYS F 34 -34.71 2.90 -6.31
N ARG F 35 -33.53 3.56 -6.31
CA ARG F 35 -32.39 3.15 -7.18
C ARG F 35 -31.13 3.06 -6.32
N GLU F 36 -31.26 2.51 -5.12
CA GLU F 36 -30.10 2.29 -4.22
C GLU F 36 -29.34 1.11 -4.81
N MET F 37 -28.40 1.34 -5.70
CA MET F 37 -27.81 0.25 -6.54
C MET F 37 -26.33 0.57 -6.74
N VAL F 38 -25.59 -0.45 -7.14
CA VAL F 38 -24.19 -0.36 -7.58
C VAL F 38 -24.16 -0.75 -9.05
N ILE F 39 -23.38 -0.05 -9.86
CA ILE F 39 -23.07 -0.44 -11.25
C ILE F 39 -21.55 -0.60 -11.39
N ILE F 40 -21.08 -1.68 -11.99
CA ILE F 40 -19.64 -1.82 -12.32
C ILE F 40 -19.50 -1.99 -13.83
N THR F 41 -18.42 -1.44 -14.39
CA THR F 41 -18.10 -1.63 -15.83
C THR F 41 -16.68 -2.10 -16.00
N PHE F 42 -16.44 -2.80 -17.08
CA PHE F 42 -15.11 -3.31 -17.49
C PHE F 42 -14.71 -2.66 -18.81
N LYS F 43 -13.41 -2.63 -19.04
CA LYS F 43 -12.79 -2.11 -20.29
C LYS F 43 -13.34 -2.88 -21.49
N SER F 44 -13.76 -4.12 -21.36
CA SER F 44 -14.39 -4.95 -22.41
C SER F 44 -15.67 -4.30 -22.96
N GLY F 45 -16.28 -3.40 -22.20
CA GLY F 45 -17.59 -2.80 -22.51
C GLY F 45 -18.76 -3.44 -21.74
N GLU F 46 -18.50 -4.43 -20.89
CA GLU F 46 -19.57 -5.11 -20.12
C GLU F 46 -19.91 -4.25 -18.91
N THR F 47 -21.19 -4.17 -18.60
CA THR F 47 -21.73 -3.46 -17.42
C THR F 47 -22.61 -4.43 -16.62
N PHE F 48 -22.53 -4.38 -15.30
CA PHE F 48 -23.33 -5.22 -14.38
C PHE F 48 -23.88 -4.36 -13.25
N GLN F 49 -24.94 -4.82 -12.60
CA GLN F 49 -25.49 -4.14 -11.40
C GLN F 49 -25.48 -5.11 -10.21
N VAL F 50 -25.52 -4.53 -9.04
CA VAL F 50 -26.08 -5.16 -7.83
C VAL F 50 -27.42 -4.46 -7.57
N GLU F 51 -28.48 -5.28 -7.59
CA GLU F 51 -29.87 -4.83 -7.61
C GLU F 51 -30.21 -4.11 -6.32
N VAL F 52 -31.21 -3.24 -6.42
CA VAL F 52 -31.97 -2.69 -5.28
C VAL F 52 -32.57 -3.85 -4.47
N PRO F 53 -32.39 -3.87 -3.15
CA PRO F 53 -33.07 -4.86 -2.29
C PRO F 53 -34.59 -4.85 -2.47
N HIS F 57 -37.48 -9.87 -1.19
CA HIS F 57 -36.31 -10.30 -0.39
C HIS F 57 -36.60 -10.33 1.12
N ILE F 58 -36.28 -11.43 1.81
CA ILE F 58 -36.22 -11.52 3.29
C ILE F 58 -34.94 -10.81 3.77
N ASP F 59 -34.78 -10.66 5.09
CA ASP F 59 -33.65 -9.94 5.71
C ASP F 59 -32.31 -10.57 5.34
N SER F 60 -32.19 -11.91 5.29
CA SER F 60 -30.90 -12.59 4.96
C SER F 60 -30.47 -12.25 3.53
N GLN F 61 -31.43 -12.04 2.63
CA GLN F 61 -31.15 -11.70 1.21
C GLN F 61 -30.72 -10.23 1.14
N LYS F 62 -31.35 -9.37 1.94
CA LYS F 62 -30.95 -7.94 2.00
C LYS F 62 -29.50 -7.84 2.53
N LYS F 63 -29.15 -8.58 3.59
CA LYS F 63 -27.77 -8.57 4.15
C LYS F 63 -26.78 -9.06 3.09
N ALA F 64 -27.13 -10.05 2.28
CA ALA F 64 -26.23 -10.58 1.22
C ALA F 64 -26.02 -9.54 0.13
N ILE F 65 -27.07 -8.76 -0.21
CA ILE F 65 -26.94 -7.67 -1.21
C ILE F 65 -26.00 -6.59 -0.66
N GLU F 66 -26.13 -6.25 0.61
CA GLU F 66 -25.23 -5.24 1.24
C GLU F 66 -23.79 -5.77 1.21
N ARG F 67 -23.59 -7.05 1.51
CA ARG F 67 -22.25 -7.67 1.45
C ARG F 67 -21.69 -7.58 0.03
N MET F 68 -22.48 -7.89 -1.00
CA MET F 68 -21.97 -7.90 -2.38
C MET F 68 -21.54 -6.48 -2.76
N LYS F 69 -22.32 -5.46 -2.39
CA LYS F 69 -21.92 -4.06 -2.66
CA LYS F 69 -21.92 -4.06 -2.66
C LYS F 69 -20.59 -3.74 -1.96
N ASP F 70 -20.44 -4.16 -0.70
CA ASP F 70 -19.17 -3.97 0.06
C ASP F 70 -18.03 -4.64 -0.73
N THR F 71 -18.24 -5.87 -1.20
CA THR F 71 -17.19 -6.63 -1.90
C THR F 71 -16.78 -5.91 -3.19
N LEU F 72 -17.75 -5.42 -3.98
CA LEU F 72 -17.39 -4.74 -5.24
C LEU F 72 -16.62 -3.46 -4.96
N ARG F 73 -16.97 -2.71 -3.93
CA ARG F 73 -16.24 -1.45 -3.62
C ARG F 73 -14.78 -1.76 -3.30
N ILE F 74 -14.51 -2.70 -2.41
CA ILE F 74 -13.09 -2.97 -2.00
C ILE F 74 -12.34 -3.68 -3.14
N THR F 75 -13.03 -4.49 -3.95
CA THR F 75 -12.42 -5.14 -5.14
C THR F 75 -11.96 -4.02 -6.10
N TYR F 76 -12.81 -3.02 -6.33
CA TYR F 76 -12.46 -1.88 -7.21
C TYR F 76 -11.25 -1.15 -6.63
N LEU F 77 -11.29 -0.80 -5.34
CA LEU F 77 -10.24 0.08 -4.77
C LEU F 77 -8.89 -0.63 -4.73
N THR F 78 -8.87 -1.96 -4.59
CA THR F 78 -7.63 -2.76 -4.51
C THR F 78 -7.17 -3.20 -5.91
N GLU F 79 -7.91 -2.83 -6.96
CA GLU F 79 -7.57 -3.18 -8.38
C GLU F 79 -7.47 -4.70 -8.53
N THR F 80 -8.31 -5.44 -7.81
CA THR F 80 -8.25 -6.91 -7.81
C THR F 80 -8.93 -7.46 -9.06
N LYS F 81 -8.32 -8.44 -9.71
N LYS F 81 -8.32 -8.44 -9.71
CA LYS F 81 -8.91 -9.09 -10.90
CA LYS F 81 -8.90 -9.09 -10.90
C LYS F 81 -10.10 -9.98 -10.51
C LYS F 81 -10.10 -9.98 -10.51
N ILE F 82 -11.20 -9.83 -11.24
CA ILE F 82 -12.37 -10.73 -11.16
C ILE F 82 -12.16 -11.84 -12.19
N ASP F 83 -12.36 -13.09 -11.78
CA ASP F 83 -12.30 -14.26 -12.67
C ASP F 83 -13.64 -14.36 -13.39
N LYS F 84 -14.69 -14.75 -12.68
CA LYS F 84 -16.03 -14.98 -13.27
C LYS F 84 -17.10 -14.25 -12.48
N LEU F 85 -18.21 -13.92 -13.15
CA LEU F 85 -19.45 -13.47 -12.52
C LEU F 85 -20.54 -14.47 -12.92
N CYS F 86 -21.37 -14.82 -11.97
CA CYS F 86 -22.65 -15.54 -12.20
C CYS F 86 -23.72 -14.49 -12.11
N VAL F 87 -24.50 -14.29 -13.18
CA VAL F 87 -25.47 -13.17 -13.23
C VAL F 87 -26.88 -13.69 -13.52
N TRP F 88 -27.86 -12.98 -13.00
CA TRP F 88 -29.27 -13.07 -13.43
C TRP F 88 -29.37 -12.35 -14.77
N ASN F 89 -29.69 -13.10 -15.81
CA ASN F 89 -29.57 -12.61 -17.21
C ASN F 89 -30.91 -12.03 -17.66
N ASN F 90 -31.92 -11.98 -16.77
CA ASN F 90 -33.27 -11.46 -17.09
C ASN F 90 -33.34 -9.98 -16.70
N LYS F 91 -32.29 -9.41 -16.10
CA LYS F 91 -32.30 -8.03 -15.57
C LYS F 91 -31.49 -7.11 -16.48
N THR F 92 -31.79 -5.82 -16.42
CA THR F 92 -31.05 -4.79 -17.21
C THR F 92 -30.47 -3.77 -16.25
N PRO F 93 -29.12 -3.61 -16.21
CA PRO F 93 -28.17 -4.55 -16.80
C PRO F 93 -28.16 -5.87 -16.01
N ASN F 94 -27.45 -6.87 -16.52
CA ASN F 94 -27.23 -8.18 -15.85
C ASN F 94 -26.89 -7.96 -14.37
N SER F 95 -27.51 -8.73 -13.50
CA SER F 95 -27.48 -8.52 -12.03
C SER F 95 -26.61 -9.59 -11.42
N ILE F 96 -25.64 -9.22 -10.58
CA ILE F 96 -24.64 -10.18 -10.07
C ILE F 96 -25.24 -11.04 -8.95
N ALA F 97 -25.20 -12.35 -9.14
CA ALA F 97 -25.61 -13.36 -8.14
C ALA F 97 -24.37 -13.90 -7.40
N ALA F 98 -23.22 -14.03 -8.07
CA ALA F 98 -22.01 -14.54 -7.43
C ALA F 98 -20.79 -14.01 -8.17
N ILE F 99 -19.67 -13.95 -7.44
CA ILE F 99 -18.41 -13.41 -7.97
C ILE F 99 -17.29 -14.37 -7.58
N SER F 100 -16.32 -14.58 -8.46
CA SER F 100 -15.10 -15.34 -8.13
C SER F 100 -13.89 -14.49 -8.48
N MET F 101 -12.85 -14.58 -7.66
N MET F 101 -12.85 -14.61 -7.67
CA MET F 101 -11.57 -13.89 -7.90
CA MET F 101 -11.56 -13.90 -7.89
C MET F 101 -10.47 -14.94 -7.73
C MET F 101 -10.44 -14.91 -7.70
N LYS F 102 -9.47 -14.94 -8.62
CA LYS F 102 -8.27 -15.78 -8.57
C LYS F 102 -7.20 -15.00 -9.38
N ASN F 103 -5.97 -14.99 -8.89
CA ASN F 103 -4.73 -14.42 -9.49
C ASN F 103 -4.89 -12.94 -9.91
N ALA G 1 -9.53 -20.20 29.30
CA ALA G 1 -9.88 -20.25 27.88
C ALA G 1 -8.66 -20.74 27.09
N PRO G 2 -8.86 -21.24 25.85
CA PRO G 2 -7.75 -21.71 25.01
C PRO G 2 -6.80 -20.54 24.67
N GLN G 3 -5.51 -20.83 24.45
CA GLN G 3 -4.52 -19.79 24.13
C GLN G 3 -4.03 -19.90 22.70
N THR G 4 -4.41 -20.96 21.97
CA THR G 4 -4.04 -21.16 20.55
C THR G 4 -5.23 -21.73 19.78
N ILE G 5 -5.19 -21.63 18.47
CA ILE G 5 -6.26 -22.21 17.60
C ILE G 5 -6.27 -23.74 17.78
N THR G 6 -5.11 -24.38 17.94
CA THR G 6 -5.08 -25.86 18.10
C THR G 6 -5.79 -26.24 19.41
N GLU G 7 -5.56 -25.53 20.51
CA GLU G 7 -6.24 -25.80 21.81
C GLU G 7 -7.74 -25.55 21.65
N LEU G 8 -8.13 -24.45 21.00
CA LEU G 8 -9.56 -24.13 20.81
C LEU G 8 -10.25 -25.24 20.03
N CYS G 9 -9.62 -25.69 18.95
N CYS G 9 -9.62 -25.69 18.93
CA CYS G 9 -10.19 -26.70 18.03
CA CYS G 9 -10.20 -26.70 18.01
C CYS G 9 -10.40 -28.01 18.77
C CYS G 9 -10.40 -28.02 18.77
N SER G 10 -9.50 -28.36 19.68
CA SER G 10 -9.54 -29.64 20.44
C SER G 10 -10.75 -29.67 21.38
N GLU G 11 -11.41 -28.54 21.66
CA GLU G 11 -12.56 -28.48 22.60
C GLU G 11 -13.85 -28.99 21.96
N TYR G 12 -13.88 -29.16 20.64
CA TYR G 12 -15.10 -29.55 19.88
C TYR G 12 -14.84 -30.89 19.21
N ARG G 13 -15.75 -31.86 19.35
CA ARG G 13 -15.57 -33.21 18.77
C ARG G 13 -15.58 -33.15 17.22
N ASN G 14 -16.49 -32.40 16.60
CA ASN G 14 -16.66 -32.44 15.12
C ASN G 14 -15.83 -31.36 14.44
N THR G 15 -14.74 -30.91 15.07
CA THR G 15 -13.79 -29.98 14.40
C THR G 15 -12.43 -30.63 14.24
N GLN G 16 -11.68 -30.19 13.26
CA GLN G 16 -10.28 -30.61 13.06
C GLN G 16 -9.47 -29.44 12.49
N ILE G 17 -8.16 -29.48 12.73
CA ILE G 17 -7.20 -28.47 12.20
C ILE G 17 -6.74 -28.87 10.80
N TYR G 18 -6.78 -27.92 9.88
CA TYR G 18 -6.00 -27.93 8.63
C TYR G 18 -4.90 -26.90 8.72
N THR G 19 -3.65 -27.31 8.56
CA THR G 19 -2.49 -26.36 8.53
C THR G 19 -2.28 -25.95 7.09
N ILE G 20 -2.38 -24.66 6.82
CA ILE G 20 -2.38 -24.12 5.42
C ILE G 20 -1.00 -23.54 5.09
N ASN G 21 -0.53 -22.57 5.86
CA ASN G 21 0.76 -21.86 5.59
C ASN G 21 0.79 -21.38 4.12
N ASP G 22 -0.25 -20.68 3.70
CA ASP G 22 -0.39 -20.21 2.31
C ASP G 22 -1.46 -19.12 2.25
N LYS G 23 -1.41 -18.32 1.20
N LYS G 23 -1.41 -18.33 1.18
CA LYS G 23 -2.45 -17.32 0.88
CA LYS G 23 -2.46 -17.34 0.89
C LYS G 23 -3.62 -18.08 0.23
C LYS G 23 -3.63 -18.08 0.21
N ILE G 24 -4.79 -17.47 0.26
CA ILE G 24 -5.99 -17.99 -0.45
C ILE G 24 -5.76 -17.87 -1.96
N LEU G 25 -6.03 -18.94 -2.70
CA LEU G 25 -5.91 -18.95 -4.18
C LEU G 25 -7.18 -18.31 -4.80
N SER G 26 -8.34 -18.75 -4.35
CA SER G 26 -9.61 -18.20 -4.93
C SER G 26 -10.61 -17.89 -3.82
N TYR G 27 -11.36 -16.84 -4.06
CA TYR G 27 -12.45 -16.34 -3.20
C TYR G 27 -13.70 -16.31 -4.05
N THR G 28 -14.76 -16.98 -3.60
CA THR G 28 -16.06 -16.97 -4.28
C THR G 28 -17.13 -16.50 -3.28
N GLU G 29 -17.97 -15.58 -3.69
CA GLU G 29 -19.09 -15.11 -2.85
C GLU G 29 -20.38 -15.25 -3.66
N SER G 30 -21.37 -15.93 -3.09
CA SER G 30 -22.60 -16.28 -3.82
C SER G 30 -23.85 -15.86 -3.03
N MET G 31 -24.80 -15.22 -3.67
CA MET G 31 -26.17 -15.06 -3.10
C MET G 31 -27.18 -15.68 -4.04
N ALA G 32 -26.76 -16.65 -4.82
CA ALA G 32 -27.67 -17.47 -5.66
C ALA G 32 -28.50 -18.37 -4.73
N GLY G 33 -29.79 -18.48 -5.00
CA GLY G 33 -30.72 -19.28 -4.17
C GLY G 33 -30.69 -18.87 -2.68
N LYS G 34 -30.66 -19.82 -1.73
CA LYS G 34 -31.42 -19.64 -0.45
C LYS G 34 -30.51 -19.12 0.65
N ARG G 35 -29.20 -19.41 0.61
CA ARG G 35 -28.28 -18.99 1.70
C ARG G 35 -27.03 -18.40 1.05
N GLU G 36 -26.60 -17.22 1.51
CA GLU G 36 -25.34 -16.58 1.13
C GLU G 36 -24.20 -17.56 1.50
N MET G 37 -23.26 -17.84 0.61
CA MET G 37 -22.05 -18.56 1.04
C MET G 37 -20.79 -17.90 0.50
N VAL G 38 -19.72 -18.08 1.24
CA VAL G 38 -18.34 -17.69 0.82
C VAL G 38 -17.54 -18.97 0.75
N ILE G 39 -16.82 -19.18 -0.34
CA ILE G 39 -16.03 -20.42 -0.59
C ILE G 39 -14.61 -19.99 -0.90
N ILE G 40 -13.63 -20.59 -0.22
CA ILE G 40 -12.20 -20.30 -0.49
C ILE G 40 -11.52 -21.59 -0.89
N THR G 41 -10.53 -21.48 -1.77
CA THR G 41 -9.68 -22.63 -2.17
C THR G 41 -8.22 -22.23 -2.07
N PHE G 42 -7.38 -23.25 -1.88
CA PHE G 42 -5.92 -23.14 -1.82
C PHE G 42 -5.31 -23.93 -2.98
N LYS G 43 -4.06 -23.60 -3.32
CA LYS G 43 -3.26 -24.31 -4.33
C LYS G 43 -3.16 -25.80 -3.99
N SER G 44 -3.22 -26.20 -2.72
CA SER G 44 -3.19 -27.62 -2.28
C SER G 44 -4.39 -28.41 -2.84
N GLY G 45 -5.46 -27.70 -3.23
CA GLY G 45 -6.73 -28.31 -3.65
C GLY G 45 -7.81 -28.28 -2.57
N GLU G 46 -7.47 -27.87 -1.35
CA GLU G 46 -8.44 -27.85 -0.24
C GLU G 46 -9.42 -26.69 -0.41
N THR G 47 -10.69 -26.97 -0.12
CA THR G 47 -11.80 -26.01 -0.29
C THR G 47 -12.58 -25.93 1.00
N PHE G 48 -12.98 -24.73 1.41
CA PHE G 48 -13.70 -24.48 2.67
C PHE G 48 -14.79 -23.43 2.45
N GLN G 49 -15.80 -23.40 3.31
CA GLN G 49 -16.95 -22.46 3.15
C GLN G 49 -17.28 -21.83 4.48
N VAL G 50 -17.96 -20.69 4.40
CA VAL G 50 -18.67 -20.03 5.52
C VAL G 50 -20.08 -19.75 5.03
N GLU G 51 -21.09 -20.21 5.75
CA GLU G 51 -22.53 -19.94 5.52
C GLU G 51 -23.23 -19.95 6.89
N VAL G 52 -24.34 -19.24 6.98
CA VAL G 52 -25.21 -19.33 8.19
C VAL G 52 -26.01 -20.61 8.04
N PRO G 53 -25.95 -21.55 9.01
CA PRO G 53 -26.79 -22.74 8.99
C PRO G 53 -28.28 -22.38 8.96
N GLY G 54 -29.10 -23.16 8.24
CA GLY G 54 -30.56 -23.00 8.19
C GLY G 54 -31.18 -22.94 9.60
N SER G 55 -30.69 -23.78 10.52
CA SER G 55 -31.22 -23.91 11.90
C SER G 55 -30.86 -22.69 12.77
N GLN G 56 -29.84 -21.90 12.37
CA GLN G 56 -29.19 -20.91 13.28
C GLN G 56 -29.96 -19.60 13.26
N HIS G 57 -30.54 -19.18 14.40
CA HIS G 57 -31.37 -17.93 14.48
C HIS G 57 -30.85 -16.90 15.49
N ILE G 58 -29.89 -17.25 16.34
CA ILE G 58 -29.44 -16.36 17.46
C ILE G 58 -28.49 -15.25 16.94
N ASP G 59 -28.76 -13.99 17.29
CA ASP G 59 -28.12 -12.81 16.64
C ASP G 59 -26.61 -12.82 16.89
N SER G 60 -26.15 -13.15 18.10
CA SER G 60 -24.70 -13.11 18.45
C SER G 60 -23.94 -14.14 17.64
N GLN G 61 -24.60 -15.26 17.28
CA GLN G 61 -23.96 -16.35 16.51
C GLN G 61 -23.84 -15.87 15.04
N LYS G 62 -24.91 -15.21 14.58
CA LYS G 62 -24.92 -14.71 13.18
C LYS G 62 -23.85 -13.63 13.04
N LYS G 63 -23.66 -12.72 14.00
CA LYS G 63 -22.63 -11.65 13.91
C LYS G 63 -21.24 -12.27 13.74
N ALA G 64 -20.91 -13.37 14.44
CA ALA G 64 -19.57 -13.98 14.29
C ALA G 64 -19.39 -14.58 12.90
N ILE G 65 -20.45 -15.15 12.34
CA ILE G 65 -20.41 -15.75 10.97
C ILE G 65 -20.18 -14.61 9.96
N GLU G 66 -20.88 -13.50 10.12
CA GLU G 66 -20.70 -12.32 9.22
C GLU G 66 -19.27 -11.79 9.37
N ARG G 67 -18.75 -11.74 10.57
CA ARG G 67 -17.34 -11.29 10.79
C ARG G 67 -16.38 -12.23 10.07
N MET G 68 -16.56 -13.54 10.14
CA MET G 68 -15.67 -14.47 9.47
C MET G 68 -15.71 -14.28 7.94
N LYS G 69 -16.89 -14.06 7.37
CA LYS G 69 -16.98 -13.76 5.92
C LYS G 69 -16.18 -12.48 5.59
N ASP G 70 -16.30 -11.45 6.42
CA ASP G 70 -15.54 -10.19 6.24
C ASP G 70 -14.03 -10.50 6.32
N THR G 71 -13.63 -11.31 7.27
CA THR G 71 -12.20 -11.66 7.50
C THR G 71 -11.66 -12.41 6.27
N LEU G 72 -12.39 -13.36 5.73
CA LEU G 72 -11.89 -14.12 4.54
C LEU G 72 -11.73 -13.16 3.35
N ARG G 73 -12.67 -12.25 3.14
CA ARG G 73 -12.59 -11.31 2.01
C ARG G 73 -11.34 -10.45 2.12
N ILE G 74 -11.09 -9.83 3.27
CA ILE G 74 -9.95 -8.89 3.41
C ILE G 74 -8.65 -9.67 3.42
N THR G 75 -8.64 -10.90 3.97
CA THR G 75 -7.44 -11.76 3.94
C THR G 75 -7.09 -12.04 2.47
N TYR G 76 -8.09 -12.40 1.66
CA TYR G 76 -7.87 -12.66 0.21
C TYR G 76 -7.31 -11.40 -0.46
N LEU G 77 -7.98 -10.27 -0.29
CA LEU G 77 -7.64 -9.05 -1.07
C LEU G 77 -6.27 -8.50 -0.69
N THR G 78 -5.84 -8.69 0.55
CA THR G 78 -4.52 -8.20 1.07
C THR G 78 -3.45 -9.25 0.85
N GLU G 79 -3.77 -10.41 0.27
CA GLU G 79 -2.80 -11.50 -0.03
C GLU G 79 -2.11 -11.94 1.25
N THR G 80 -2.87 -11.96 2.35
CA THR G 80 -2.33 -12.36 3.67
C THR G 80 -2.24 -13.89 3.78
N LYS G 81 -1.13 -14.39 4.26
CA LYS G 81 -0.92 -15.87 4.47
C LYS G 81 -1.74 -16.35 5.69
N ILE G 82 -2.44 -17.45 5.51
CA ILE G 82 -3.20 -18.13 6.59
CA ILE G 82 -3.20 -18.13 6.59
C ILE G 82 -2.28 -19.19 7.21
N ASP G 83 -2.23 -19.26 8.53
CA ASP G 83 -1.51 -20.33 9.27
C ASP G 83 -2.38 -21.57 9.32
N LYS G 84 -3.44 -21.57 10.13
CA LYS G 84 -4.32 -22.76 10.31
C LYS G 84 -5.79 -22.39 10.18
N LEU G 85 -6.61 -23.37 9.84
CA LEU G 85 -8.07 -23.28 9.93
C LEU G 85 -8.55 -24.40 10.86
N CYS G 86 -9.48 -24.06 11.75
CA CYS G 86 -10.28 -25.04 12.53
C CYS G 86 -11.61 -25.19 11.80
N VAL G 87 -11.96 -26.38 11.36
CA VAL G 87 -13.17 -26.56 10.49
C VAL G 87 -14.07 -27.65 11.05
N TRP G 88 -15.38 -27.49 10.84
CA TRP G 88 -16.38 -28.53 11.10
C TRP G 88 -16.30 -29.54 9.97
N ASN G 89 -16.21 -30.80 10.36
CA ASN G 89 -16.12 -31.89 9.35
C ASN G 89 -17.51 -32.51 9.15
N ASN G 90 -18.57 -31.87 9.60
CA ASN G 90 -19.96 -32.38 9.47
C ASN G 90 -20.50 -32.41 8.03
N LYS G 91 -19.99 -31.59 7.09
CA LYS G 91 -20.30 -31.74 5.66
C LYS G 91 -19.21 -31.02 4.82
N THR G 92 -19.32 -31.09 3.49
CA THR G 92 -18.34 -30.71 2.48
C THR G 92 -19.01 -29.69 1.55
N PRO G 93 -18.33 -28.58 1.22
CA PRO G 93 -17.01 -28.27 1.76
C PRO G 93 -17.12 -28.05 3.28
N ASN G 94 -16.04 -28.37 3.96
CA ASN G 94 -15.93 -28.16 5.42
C ASN G 94 -16.22 -26.69 5.70
N SER G 95 -16.90 -26.44 6.81
N SER G 95 -16.93 -26.43 6.79
CA SER G 95 -17.27 -25.09 7.28
CA SER G 95 -17.30 -25.08 7.29
C SER G 95 -16.23 -24.54 8.29
C SER G 95 -16.24 -24.54 8.27
N ILE G 96 -15.80 -23.30 8.10
CA ILE G 96 -14.72 -22.72 8.93
C ILE G 96 -15.27 -22.29 10.29
N ALA G 97 -14.68 -22.79 11.38
CA ALA G 97 -14.97 -22.37 12.77
C ALA G 97 -13.99 -21.31 13.27
N ALA G 98 -12.73 -21.39 12.87
CA ALA G 98 -11.70 -20.43 13.32
C ALA G 98 -10.60 -20.33 12.28
N ILE G 99 -9.92 -19.20 12.30
CA ILE G 99 -8.79 -18.92 11.38
C ILE G 99 -7.65 -18.34 12.21
N SER G 100 -6.42 -18.70 11.87
CA SER G 100 -5.22 -18.04 12.44
C SER G 100 -4.34 -17.56 11.30
N MET G 101 -3.69 -16.42 11.53
N MET G 101 -3.67 -16.45 11.54
CA MET G 101 -2.69 -15.84 10.61
CA MET G 101 -2.68 -15.87 10.61
C MET G 101 -1.48 -15.51 11.46
C MET G 101 -1.48 -15.45 11.43
N LYS G 102 -0.26 -15.74 10.93
CA LYS G 102 0.99 -15.48 11.69
C LYS G 102 2.03 -14.77 10.84
N ASN G 103 2.81 -13.89 11.46
CA ASN G 103 4.03 -13.26 10.91
C ASN G 103 3.58 -12.21 9.89
N ALA H 1 -11.77 13.54 32.75
CA ALA H 1 -11.62 12.16 32.19
C ALA H 1 -10.15 11.88 31.92
N PRO H 2 -9.76 10.59 31.81
CA PRO H 2 -8.34 10.25 31.61
C PRO H 2 -7.81 10.80 30.29
N GLN H 3 -6.50 11.07 30.22
CA GLN H 3 -5.86 11.55 28.96
C GLN H 3 -4.93 10.50 28.38
N THR H 4 -4.68 9.40 29.09
CA THR H 4 -3.76 8.32 28.62
C THR H 4 -4.31 6.97 29.01
N ILE H 5 -3.84 5.93 28.35
CA ILE H 5 -4.29 4.54 28.68
C ILE H 5 -3.81 4.19 30.10
N THR H 6 -2.66 4.65 30.54
CA THR H 6 -2.18 4.33 31.92
C THR H 6 -3.15 4.94 32.96
N GLU H 7 -3.57 6.20 32.77
CA GLU H 7 -4.53 6.85 33.68
C GLU H 7 -5.88 6.11 33.63
N LEU H 8 -6.35 5.78 32.43
CA LEU H 8 -7.65 5.09 32.25
C LEU H 8 -7.61 3.75 32.96
N CYS H 9 -6.54 2.98 32.82
N CYS H 9 -6.53 2.98 32.80
CA CYS H 9 -6.42 1.60 33.36
CA CYS H 9 -6.40 1.61 33.35
C CYS H 9 -6.47 1.67 34.88
C CYS H 9 -6.48 1.67 34.88
N SER H 10 -5.91 2.70 35.50
CA SER H 10 -5.89 2.88 36.97
C SER H 10 -7.32 3.07 37.52
N GLU H 11 -8.31 3.40 36.71
CA GLU H 11 -9.70 3.67 37.16
C GLU H 11 -10.48 2.38 37.36
N TYR H 12 -10.00 1.23 36.90
CA TYR H 12 -10.80 -0.02 36.79
C TYR H 12 -10.22 -1.13 37.66
N ARG H 13 -11.07 -1.96 38.20
CA ARG H 13 -10.70 -3.01 39.19
C ARG H 13 -10.11 -4.18 38.42
N ASN H 14 -9.08 -4.83 38.94
CA ASN H 14 -8.50 -6.09 38.37
C ASN H 14 -7.98 -5.86 36.93
N THR H 15 -7.45 -4.66 36.69
CA THR H 15 -6.78 -4.35 35.40
C THR H 15 -5.30 -4.10 35.64
N GLN H 16 -4.52 -4.35 34.60
CA GLN H 16 -3.11 -3.95 34.60
C GLN H 16 -2.70 -3.57 33.19
N ILE H 17 -1.68 -2.74 33.10
CA ILE H 17 -1.00 -2.36 31.83
C ILE H 17 0.05 -3.42 31.50
N TYR H 18 0.01 -3.89 30.24
CA TYR H 18 1.14 -4.56 29.58
C TYR H 18 1.69 -3.62 28.52
N THR H 19 2.97 -3.28 28.61
CA THR H 19 3.64 -2.45 27.58
C THR H 19 4.16 -3.41 26.53
N ILE H 20 3.73 -3.22 25.28
CA ILE H 20 3.99 -4.17 24.17
C ILE H 20 5.10 -3.63 23.29
N ASN H 21 4.91 -2.42 22.73
N ASN H 21 4.92 -2.43 22.74
CA ASN H 21 5.89 -1.81 21.78
CA ASN H 21 5.87 -1.81 21.78
C ASN H 21 6.23 -2.82 20.69
C ASN H 21 6.24 -2.81 20.67
N ASP H 22 5.23 -3.40 20.05
CA ASP H 22 5.44 -4.42 18.99
C ASP H 22 4.16 -4.59 18.17
N LYS H 23 4.33 -5.13 16.98
CA LYS H 23 3.21 -5.54 16.11
CA LYS H 23 3.27 -5.58 16.08
C LYS H 23 2.72 -6.91 16.61
N ILE H 24 1.48 -7.23 16.28
CA ILE H 24 0.89 -8.56 16.62
C ILE H 24 1.60 -9.65 15.80
N LEU H 25 2.05 -10.72 16.44
CA LEU H 25 2.68 -11.86 15.75
C LEU H 25 1.59 -12.76 15.14
N SER H 26 0.60 -13.14 15.95
CA SER H 26 -0.49 -14.01 15.46
C SER H 26 -1.86 -13.47 15.86
N TYR H 27 -2.78 -13.61 14.93
CA TYR H 27 -4.20 -13.23 15.08
C TYR H 27 -5.03 -14.48 14.85
N THR H 28 -5.89 -14.80 15.82
CA THR H 28 -6.83 -15.94 15.73
C THR H 28 -8.24 -15.38 15.95
N GLU H 29 -9.17 -15.77 15.11
CA GLU H 29 -10.59 -15.39 15.23
C GLU H 29 -11.42 -16.65 15.12
N SER H 30 -12.35 -16.83 16.05
CA SER H 30 -13.19 -18.02 16.21
C SER H 30 -14.66 -17.63 16.25
N MET H 31 -15.52 -18.43 15.66
CA MET H 31 -16.99 -18.33 15.90
C MET H 31 -17.51 -19.55 16.71
N ALA H 32 -16.60 -20.41 17.18
CA ALA H 32 -16.97 -21.65 17.85
C ALA H 32 -17.55 -21.32 19.23
N GLY H 33 -18.63 -22.01 19.57
CA GLY H 33 -19.37 -21.76 20.82
C GLY H 33 -19.92 -20.35 20.85
N LYS H 34 -20.09 -19.86 22.06
CA LYS H 34 -20.79 -18.57 22.35
C LYS H 34 -19.79 -17.44 22.62
N ARG H 35 -18.52 -17.73 22.89
N ARG H 35 -18.53 -17.74 22.88
CA ARG H 35 -17.56 -16.70 23.35
CA ARG H 35 -17.51 -16.76 23.34
C ARG H 35 -17.04 -15.91 22.16
C ARG H 35 -17.04 -15.90 22.16
N GLU H 36 -17.14 -16.42 20.93
CA GLU H 36 -16.67 -15.71 19.69
C GLU H 36 -15.28 -15.08 19.87
N MET H 37 -14.33 -15.92 20.23
N MET H 37 -14.34 -15.91 20.34
CA MET H 37 -13.04 -15.44 20.81
CA MET H 37 -13.01 -15.50 20.83
C MET H 37 -12.12 -14.92 19.70
C MET H 37 -12.12 -14.94 19.73
N VAL H 38 -11.43 -13.83 20.02
CA VAL H 38 -10.23 -13.38 19.25
C VAL H 38 -9.03 -13.55 20.19
N ILE H 39 -7.96 -14.12 19.67
CA ILE H 39 -6.70 -14.30 20.44
C ILE H 39 -5.57 -13.62 19.68
N ILE H 40 -4.79 -12.78 20.38
CA ILE H 40 -3.56 -12.21 19.77
C ILE H 40 -2.35 -12.66 20.58
N THR H 41 -1.24 -12.92 19.90
CA THR H 41 0.04 -13.22 20.57
C THR H 41 1.14 -12.33 19.99
N PHE H 42 2.15 -12.12 20.83
CA PHE H 42 3.35 -11.33 20.51
C PHE H 42 4.57 -12.24 20.54
N LYS H 43 5.65 -11.79 19.87
CA LYS H 43 6.95 -12.48 19.88
C LYS H 43 7.46 -12.70 21.32
N SER H 44 7.10 -11.82 22.26
CA SER H 44 7.46 -11.95 23.70
C SER H 44 6.94 -13.25 24.32
N GLY H 45 5.89 -13.83 23.70
CA GLY H 45 5.16 -15.00 24.23
C GLY H 45 3.85 -14.63 24.92
N GLU H 46 3.56 -13.34 25.08
N GLU H 46 3.60 -13.35 25.12
CA GLU H 46 2.33 -12.90 25.78
CA GLU H 46 2.35 -12.90 25.79
C GLU H 46 1.14 -13.08 24.85
C GLU H 46 1.15 -13.09 24.85
N THR H 47 0.04 -13.53 25.42
CA THR H 47 -1.19 -13.89 24.70
C THR H 47 -2.34 -13.18 25.39
N PHE H 48 -3.28 -12.64 24.62
CA PHE H 48 -4.45 -11.89 25.14
C PHE H 48 -5.69 -12.26 24.33
N GLN H 49 -6.87 -12.07 24.91
CA GLN H 49 -8.14 -12.42 24.24
C GLN H 49 -9.09 -11.22 24.26
N VAL H 50 -10.02 -11.22 23.34
CA VAL H 50 -11.29 -10.47 23.39
C VAL H 50 -12.39 -11.51 23.24
N GLU H 51 -13.36 -11.54 24.14
CA GLU H 51 -14.45 -12.55 24.13
C GLU H 51 -15.77 -11.85 24.36
N VAL H 52 -16.86 -12.48 23.94
CA VAL H 52 -18.22 -12.00 24.36
C VAL H 52 -18.52 -12.68 25.68
N PRO H 53 -18.66 -11.93 26.80
CA PRO H 53 -19.04 -12.55 28.08
C PRO H 53 -20.41 -13.24 27.97
N GLY H 54 -20.56 -14.40 28.62
CA GLY H 54 -21.87 -15.07 28.79
C GLY H 54 -22.94 -14.14 29.34
N SER H 55 -22.56 -13.28 30.28
CA SER H 55 -23.45 -12.33 31.00
C SER H 55 -23.93 -11.19 30.08
N GLN H 56 -23.26 -10.95 28.94
CA GLN H 56 -23.30 -9.61 28.28
C GLN H 56 -24.56 -9.41 27.43
N HIS H 57 -25.48 -8.53 27.88
CA HIS H 57 -26.81 -8.31 27.23
C HIS H 57 -27.02 -6.85 26.82
N ILE H 58 -26.23 -5.89 27.33
CA ILE H 58 -26.45 -4.44 27.04
C ILE H 58 -25.88 -4.08 25.66
N ASP H 59 -26.67 -3.40 24.81
CA ASP H 59 -26.37 -3.26 23.36
C ASP H 59 -25.08 -2.46 23.17
N SER H 60 -24.86 -1.39 23.97
CA SER H 60 -23.67 -0.51 23.83
C SER H 60 -22.40 -1.30 24.16
N GLN H 61 -22.50 -2.29 25.05
CA GLN H 61 -21.33 -3.12 25.46
C GLN H 61 -21.02 -4.10 24.32
N LYS H 62 -22.09 -4.64 23.70
CA LYS H 62 -21.89 -5.56 22.56
C LYS H 62 -21.21 -4.80 21.40
N LYS H 63 -21.67 -3.58 21.09
CA LYS H 63 -21.09 -2.77 19.99
C LYS H 63 -19.61 -2.48 20.30
N ALA H 64 -19.25 -2.22 21.55
CA ALA H 64 -17.86 -1.88 21.91
C ALA H 64 -16.96 -3.11 21.72
N ILE H 65 -17.47 -4.30 22.03
CA ILE H 65 -16.72 -5.57 21.84
C ILE H 65 -16.48 -5.78 20.35
N GLU H 66 -17.52 -5.56 19.54
N GLU H 66 -17.51 -5.55 19.53
CA GLU H 66 -17.39 -5.70 18.06
CA GLU H 66 -17.39 -5.69 18.05
C GLU H 66 -16.34 -4.69 17.55
C GLU H 66 -16.36 -4.69 17.54
N ARG H 67 -16.36 -3.46 18.04
CA ARG H 67 -15.35 -2.45 17.62
C ARG H 67 -13.94 -2.93 17.99
N MET H 68 -13.73 -3.45 19.20
CA MET H 68 -12.38 -3.86 19.61
C MET H 68 -11.89 -5.03 18.71
N LYS H 69 -12.78 -5.97 18.39
N LYS H 69 -12.78 -5.97 18.39
CA LYS H 69 -12.39 -7.08 17.48
CA LYS H 69 -12.35 -7.07 17.49
C LYS H 69 -12.03 -6.50 16.10
C LYS H 69 -12.02 -6.49 16.09
N ASP H 70 -12.79 -5.53 15.60
CA ASP H 70 -12.47 -4.83 14.32
C ASP H 70 -11.08 -4.20 14.43
N THR H 71 -10.80 -3.52 15.53
CA THR H 71 -9.51 -2.83 15.73
C THR H 71 -8.36 -3.84 15.71
N LEU H 72 -8.49 -4.96 16.41
CA LEU H 72 -7.38 -5.96 16.42
C LEU H 72 -7.14 -6.53 15.02
N ARG H 73 -8.21 -6.79 14.26
CA ARG H 73 -8.04 -7.37 12.90
C ARG H 73 -7.29 -6.38 12.02
N ILE H 74 -7.71 -5.12 11.97
N ILE H 74 -7.71 -5.11 11.97
CA ILE H 74 -7.08 -4.14 11.04
CA ILE H 74 -7.09 -4.13 11.04
C ILE H 74 -5.69 -3.79 11.55
C ILE H 74 -5.68 -3.79 11.55
N THR H 75 -5.44 -3.80 12.86
CA THR H 75 -4.09 -3.56 13.42
C THR H 75 -3.18 -4.68 12.91
N TYR H 76 -3.62 -5.93 13.00
CA TYR H 76 -2.82 -7.07 12.49
C TYR H 76 -2.54 -6.90 10.99
N LEU H 77 -3.57 -6.66 10.20
CA LEU H 77 -3.43 -6.67 8.73
C LEU H 77 -2.58 -5.50 8.23
N THR H 78 -2.57 -4.36 8.93
CA THR H 78 -1.77 -3.17 8.57
C THR H 78 -0.38 -3.21 9.20
N GLU H 79 -0.06 -4.26 9.97
N GLU H 79 -0.06 -4.27 9.97
CA GLU H 79 1.26 -4.43 10.64
CA GLU H 79 1.25 -4.43 10.63
C GLU H 79 1.53 -3.24 11.55
C GLU H 79 1.53 -3.16 11.45
N THR H 80 0.51 -2.71 12.20
CA THR H 80 0.62 -1.54 13.08
C THR H 80 1.15 -1.94 14.46
N LYS H 81 2.10 -1.19 14.98
N LYS H 81 2.09 -1.16 14.99
CA LYS H 81 2.67 -1.42 16.34
CA LYS H 81 2.67 -1.43 16.33
C LYS H 81 1.65 -1.03 17.43
C LYS H 81 1.67 -1.03 17.42
N ILE H 82 1.51 -1.91 18.42
CA ILE H 82 0.74 -1.63 19.66
C ILE H 82 1.69 -1.05 20.69
N ASP H 83 1.28 0.04 21.35
CA ASP H 83 2.05 0.64 22.46
C ASP H 83 1.72 -0.15 23.74
N LYS H 84 0.53 -0.02 24.28
CA LYS H 84 0.15 -0.66 25.56
C LYS H 84 -1.22 -1.33 25.43
N LEU H 85 -1.46 -2.34 26.27
CA LEU H 85 -2.78 -2.94 26.48
C LEU H 85 -3.14 -2.80 27.95
N CYS H 86 -4.36 -2.40 28.23
CA CYS H 86 -5.00 -2.48 29.57
C CYS H 86 -5.83 -3.75 29.58
N VAL H 87 -5.55 -4.68 30.48
CA VAL H 87 -6.22 -6.00 30.45
C VAL H 87 -6.81 -6.35 31.81
N TRP H 88 -7.92 -7.09 31.78
CA TRP H 88 -8.50 -7.73 32.98
C TRP H 88 -7.67 -8.97 33.31
N ASN H 89 -7.14 -9.04 34.51
CA ASN H 89 -6.14 -10.09 34.87
C ASN H 89 -6.83 -11.27 35.55
N ASN H 90 -8.17 -11.29 35.58
CA ASN H 90 -8.95 -12.38 36.23
C ASN H 90 -9.31 -13.44 35.19
N LYS H 91 -8.97 -13.25 33.91
CA LYS H 91 -9.27 -14.25 32.84
C LYS H 91 -7.93 -14.83 32.35
N THR H 92 -7.92 -16.05 31.84
CA THR H 92 -6.75 -16.68 31.19
C THR H 92 -7.16 -17.09 29.78
N PRO H 93 -6.56 -16.57 28.70
CA PRO H 93 -5.59 -15.47 28.76
C PRO H 93 -6.28 -14.17 29.21
N ASN H 94 -5.46 -13.20 29.62
CA ASN H 94 -6.00 -11.91 30.08
C ASN H 94 -6.83 -11.31 28.93
N SER H 95 -7.92 -10.64 29.30
CA SER H 95 -8.93 -10.07 28.40
C SER H 95 -8.70 -8.57 28.19
N ILE H 96 -8.71 -8.10 26.95
CA ILE H 96 -8.33 -6.70 26.64
C ILE H 96 -9.47 -5.74 26.97
N ALA H 97 -9.20 -4.75 27.82
CA ALA H 97 -10.13 -3.65 28.15
C ALA H 97 -9.83 -2.42 27.29
N ALA H 98 -8.56 -2.14 27.01
CA ALA H 98 -8.19 -0.96 26.21
C ALA H 98 -6.89 -1.20 25.47
N ILE H 99 -6.73 -0.48 24.37
CA ILE H 99 -5.54 -0.60 23.49
C ILE H 99 -5.05 0.79 23.15
N SER H 100 -3.74 0.99 23.11
CA SER H 100 -3.15 2.23 22.58
C SER H 100 -2.15 1.88 21.50
N MET H 101 -2.07 2.74 20.48
N MET H 101 -2.04 2.80 20.53
CA MET H 101 -1.09 2.66 19.38
CA MET H 101 -1.08 2.69 19.40
C MET H 101 -0.45 4.03 19.27
C MET H 101 -0.46 4.05 19.21
N LYS H 102 0.86 4.11 19.01
CA LYS H 102 1.57 5.39 18.87
C LYS H 102 2.53 5.39 17.67
N ASN H 103 2.49 6.46 16.90
CA ASN H 103 3.19 6.53 15.56
C ASN H 103 4.69 6.71 15.81
N ALA I 1 -27.07 24.27 4.10
CA ALA I 1 -26.18 23.72 5.13
C ALA I 1 -24.83 24.43 5.07
N PRO I 2 -24.00 24.35 6.14
CA PRO I 2 -22.66 24.94 6.14
C PRO I 2 -21.78 24.31 5.04
N GLN I 3 -20.80 25.06 4.54
CA GLN I 3 -19.88 24.55 3.48
C GLN I 3 -18.47 24.33 4.03
N THR I 4 -18.19 24.73 5.28
CA THR I 4 -16.87 24.58 5.90
C THR I 4 -17.06 24.22 7.38
N ILE I 5 -16.03 23.60 7.94
CA ILE I 5 -16.04 23.24 9.37
C ILE I 5 -16.10 24.52 10.22
N THR I 6 -15.46 25.61 9.79
CA THR I 6 -15.50 26.88 10.57
C THR I 6 -16.94 27.40 10.63
N GLU I 7 -17.66 27.41 9.50
CA GLU I 7 -19.08 27.85 9.47
C GLU I 7 -19.92 26.92 10.36
N LEU I 8 -19.74 25.61 10.24
CA LEU I 8 -20.54 24.64 11.01
C LEU I 8 -20.31 24.89 12.52
N CYS I 9 -19.05 25.05 12.93
N CYS I 9 -19.05 25.05 12.93
CA CYS I 9 -18.66 25.19 14.36
CA CYS I 9 -18.65 25.20 14.35
C CYS I 9 -19.30 26.44 14.96
C CYS I 9 -19.30 26.44 14.96
N SER I 10 -19.42 27.51 14.17
CA SER I 10 -19.99 28.81 14.61
C SER I 10 -21.48 28.67 14.96
N GLU I 11 -22.16 27.60 14.52
CA GLU I 11 -23.62 27.42 14.73
C GLU I 11 -23.92 26.89 16.15
N TYR I 12 -22.92 26.47 16.92
CA TYR I 12 -23.12 25.79 18.22
C TYR I 12 -22.51 26.61 19.36
N ARG I 13 -23.19 26.55 20.49
CA ARG I 13 -22.67 27.07 21.78
C ARG I 13 -21.63 26.10 22.29
N ASN I 14 -20.63 26.63 23.00
CA ASN I 14 -19.63 25.84 23.75
C ASN I 14 -18.73 25.06 22.77
N THR I 15 -18.57 25.53 21.54
CA THR I 15 -17.63 24.90 20.58
C THR I 15 -16.53 25.88 20.23
N GLN I 16 -15.39 25.34 19.86
CA GLN I 16 -14.28 26.14 19.30
C GLN I 16 -13.56 25.31 18.25
N ILE I 17 -12.94 26.00 17.32
CA ILE I 17 -12.02 25.43 16.31
C ILE I 17 -10.61 25.31 16.89
N TYR I 18 -10.00 24.15 16.74
CA TYR I 18 -8.55 23.94 16.84
C TYR I 18 -7.99 23.70 15.44
N THR I 19 -6.98 24.47 15.04
CA THR I 19 -6.21 24.16 13.81
C THR I 19 -5.08 23.22 14.20
N ILE I 20 -5.07 22.03 13.62
CA ILE I 20 -4.13 20.93 13.98
C ILE I 20 -3.01 20.86 12.95
N ASN I 21 -3.35 20.70 11.68
CA ASN I 21 -2.35 20.58 10.58
C ASN I 21 -1.32 19.50 10.92
N ASP I 22 -1.79 18.32 11.34
CA ASP I 22 -0.87 17.23 11.72
C ASP I 22 -1.61 15.90 11.71
N LYS I 23 -0.84 14.82 11.64
CA LYS I 23 -1.35 13.45 11.82
C LYS I 23 -1.53 13.18 13.31
N ILE I 24 -2.36 12.21 13.63
CA ILE I 24 -2.57 11.74 15.02
C ILE I 24 -1.30 11.04 15.49
N LEU I 25 -0.79 11.41 16.67
CA LEU I 25 0.37 10.75 17.29
C LEU I 25 -0.06 9.46 17.97
N SER I 26 -1.12 9.50 18.77
CA SER I 26 -1.57 8.29 19.50
C SER I 26 -3.08 8.13 19.42
N TYR I 27 -3.50 6.88 19.34
CA TYR I 27 -4.90 6.43 19.31
C TYR I 27 -5.12 5.48 20.47
N THR I 28 -6.11 5.77 21.33
CA THR I 28 -6.48 4.92 22.47
C THR I 28 -7.97 4.58 22.36
N GLU I 29 -8.31 3.32 22.55
CA GLU I 29 -9.71 2.85 22.51
C GLU I 29 -9.96 2.01 23.75
N SER I 30 -11.02 2.31 24.51
CA SER I 30 -11.36 1.59 25.75
C SER I 30 -12.80 1.13 25.74
N MET I 31 -13.07 -0.08 26.17
N MET I 31 -13.04 -0.08 26.19
CA MET I 31 -14.45 -0.58 26.45
CA MET I 31 -14.40 -0.64 26.43
C MET I 31 -14.59 -0.94 27.92
C MET I 31 -14.57 -0.98 27.92
N ALA I 32 -13.73 -0.40 28.78
CA ALA I 32 -13.79 -0.65 30.23
C ALA I 32 -15.04 -0.01 30.84
N GLY I 33 -15.44 1.19 30.38
CA GLY I 33 -16.54 1.94 31.01
C GLY I 33 -17.86 1.70 30.30
N LYS I 34 -18.75 2.66 30.43
CA LYS I 34 -19.95 2.84 29.55
C LYS I 34 -19.69 3.97 28.56
N ARG I 35 -18.71 4.85 28.78
CA ARG I 35 -18.40 5.96 27.86
C ARG I 35 -17.74 5.45 26.58
N GLU I 36 -17.26 4.20 26.55
CA GLU I 36 -16.51 3.61 25.42
C GLU I 36 -15.54 4.59 24.72
N MET I 37 -14.61 5.08 25.50
N MET I 37 -14.58 5.06 25.50
CA MET I 37 -13.80 6.28 25.18
CA MET I 37 -13.78 6.25 25.16
C MET I 37 -12.84 5.99 24.01
C MET I 37 -12.84 5.96 23.98
N VAL I 38 -12.76 6.90 23.05
CA VAL I 38 -11.65 6.96 22.08
C VAL I 38 -10.92 8.26 22.37
N ILE I 39 -9.61 8.19 22.52
CA ILE I 39 -8.77 9.37 22.85
C ILE I 39 -7.68 9.47 21.79
N ILE I 40 -7.51 10.68 21.23
CA ILE I 40 -6.41 10.93 20.29
C ILE I 40 -5.52 12.02 20.85
N THR I 41 -4.22 11.92 20.56
CA THR I 41 -3.25 12.96 20.98
C THR I 41 -2.40 13.34 19.77
N PHE I 42 -1.89 14.57 19.82
CA PHE I 42 -0.99 15.13 18.79
C PHE I 42 0.37 15.43 19.41
N LYS I 43 1.39 15.54 18.57
CA LYS I 43 2.76 15.91 18.99
C LYS I 43 2.75 17.27 19.71
N SER I 44 1.81 18.16 19.40
CA SER I 44 1.65 19.49 20.09
C SER I 44 1.38 19.32 21.58
N GLY I 45 0.88 18.16 21.99
CA GLY I 45 0.42 17.88 23.36
C GLY I 45 -1.10 17.93 23.51
N GLU I 46 -1.83 18.34 22.48
CA GLU I 46 -3.30 18.46 22.56
C GLU I 46 -3.93 17.06 22.51
N THR I 47 -4.94 16.87 23.33
CA THR I 47 -5.64 15.59 23.53
C THR I 47 -7.13 15.84 23.37
N PHE I 48 -7.84 14.96 22.67
CA PHE I 48 -9.28 15.06 22.41
C PHE I 48 -9.94 13.70 22.57
N GLN I 49 -11.24 13.68 22.84
CA GLN I 49 -12.01 12.42 23.01
C GLN I 49 -13.23 12.43 22.10
N VAL I 50 -13.86 11.25 21.92
CA VAL I 50 -15.21 11.20 21.32
C VAL I 50 -16.27 10.96 22.40
N GLU I 51 -17.22 11.89 22.46
CA GLU I 51 -18.34 11.93 23.43
C GLU I 51 -19.20 10.68 23.33
N VAL I 52 -19.76 10.30 24.44
CA VAL I 52 -20.71 9.16 24.57
C VAL I 52 -21.45 9.69 25.79
N PRO I 53 -22.47 10.55 25.56
CA PRO I 53 -23.10 11.30 26.65
C PRO I 53 -23.70 10.37 27.72
N ILE I 58 -30.80 9.45 21.09
CA ILE I 58 -31.36 9.55 19.71
C ILE I 58 -30.55 8.65 18.76
N ASP I 59 -31.19 7.82 17.92
CA ASP I 59 -30.48 6.79 17.11
C ASP I 59 -29.52 7.45 16.11
N SER I 60 -29.91 8.57 15.49
CA SER I 60 -29.06 9.27 14.47
C SER I 60 -27.78 9.79 15.13
N GLN I 61 -27.86 10.18 16.41
CA GLN I 61 -26.70 10.72 17.16
C GLN I 61 -25.78 9.53 17.51
N LYS I 62 -26.36 8.39 17.88
CA LYS I 62 -25.56 7.19 18.19
C LYS I 62 -24.81 6.74 16.93
N LYS I 63 -25.47 6.70 15.77
CA LYS I 63 -24.80 6.29 14.50
C LYS I 63 -23.66 7.25 14.19
N ALA I 64 -23.84 8.55 14.41
CA ALA I 64 -22.80 9.56 14.08
C ALA I 64 -21.60 9.39 15.02
N ILE I 65 -21.83 9.05 16.29
CA ILE I 65 -20.73 8.82 17.26
C ILE I 65 -19.93 7.60 16.80
N GLU I 66 -20.62 6.53 16.38
CA GLU I 66 -19.91 5.32 15.92
C GLU I 66 -19.10 5.67 14.66
N ARG I 67 -19.67 6.45 13.75
CA ARG I 67 -18.94 6.87 12.52
C ARG I 67 -17.68 7.65 12.90
N MET I 68 -17.79 8.60 13.83
CA MET I 68 -16.61 9.43 14.18
C MET I 68 -15.50 8.55 14.78
N LYS I 69 -15.88 7.58 15.61
CA LYS I 69 -14.86 6.65 16.16
C LYS I 69 -14.19 5.88 15.02
N ASP I 70 -14.97 5.39 14.07
CA ASP I 70 -14.43 4.69 12.88
C ASP I 70 -13.47 5.62 12.13
N THR I 71 -13.86 6.87 11.93
CA THR I 71 -13.05 7.84 11.17
C THR I 71 -11.72 8.10 11.89
N LEU I 72 -11.72 8.27 13.21
CA LEU I 72 -10.45 8.53 13.92
C LEU I 72 -9.51 7.31 13.81
N ARG I 73 -10.05 6.10 13.90
CA ARG I 73 -9.20 4.88 13.83
C ARG I 73 -8.51 4.82 12.45
N ILE I 74 -9.26 4.97 11.36
CA ILE I 74 -8.67 4.81 10.02
C ILE I 74 -7.78 6.02 9.68
N THR I 75 -8.11 7.20 10.19
CA THR I 75 -7.24 8.40 10.01
C THR I 75 -5.90 8.11 10.69
N TYR I 76 -5.91 7.57 11.90
CA TYR I 76 -4.67 7.20 12.61
C TYR I 76 -3.88 6.17 11.79
N LEU I 77 -4.53 5.08 11.37
CA LEU I 77 -3.81 3.94 10.74
C LEU I 77 -3.21 4.36 9.39
N THR I 78 -3.84 5.29 8.67
CA THR I 78 -3.38 5.76 7.34
C THR I 78 -2.43 6.95 7.47
N GLU I 79 -2.14 7.40 8.68
CA GLU I 79 -1.23 8.56 8.95
C GLU I 79 -1.75 9.79 8.20
N THR I 80 -3.05 9.96 8.13
CA THR I 80 -3.67 11.08 7.39
C THR I 80 -3.63 12.34 8.24
N LYS I 81 -3.27 13.46 7.62
N LYS I 81 -3.25 13.47 7.62
CA LYS I 81 -3.24 14.77 8.32
CA LYS I 81 -3.23 14.79 8.31
C LYS I 81 -4.65 15.29 8.59
C LYS I 81 -4.64 15.29 8.60
N ILE I 82 -4.87 15.73 9.84
CA ILE I 82 -6.10 16.46 10.25
C ILE I 82 -5.83 17.96 10.05
N ASP I 83 -6.76 18.65 9.40
CA ASP I 83 -6.71 20.11 9.22
C ASP I 83 -7.22 20.75 10.50
N LYS I 84 -8.53 20.67 10.74
CA LYS I 84 -9.18 21.33 11.90
C LYS I 84 -10.05 20.35 12.66
N LEU I 85 -10.25 20.63 13.95
CA LEU I 85 -11.26 19.98 14.79
C LEU I 85 -12.20 21.06 15.32
N CYS I 86 -13.49 20.78 15.31
CA CYS I 86 -14.52 21.56 16.04
C CYS I 86 -14.81 20.76 17.30
N VAL I 87 -14.59 21.36 18.47
CA VAL I 87 -14.72 20.59 19.73
C VAL I 87 -15.63 21.31 20.72
N TRP I 88 -16.33 20.52 21.53
CA TRP I 88 -17.05 20.99 22.72
C TRP I 88 -16.02 21.24 23.82
N ASN I 89 -15.94 22.49 24.28
CA ASN I 89 -14.83 22.90 25.18
C ASN I 89 -15.28 22.82 26.64
N ASN I 90 -16.46 22.26 26.91
CA ASN I 90 -17.01 22.12 28.28
C ASN I 90 -16.65 20.72 28.82
N LYS I 91 -16.00 19.86 28.04
CA LYS I 91 -15.49 18.55 28.56
C LYS I 91 -13.97 18.57 28.64
N THR I 92 -13.40 17.74 29.50
CA THR I 92 -11.92 17.53 29.62
C THR I 92 -11.65 16.05 29.47
N PRO I 93 -10.89 15.60 28.45
CA PRO I 93 -10.42 16.44 27.35
C PRO I 93 -11.60 16.89 26.48
N ASN I 94 -11.35 17.90 25.65
CA ASN I 94 -12.40 18.42 24.76
C ASN I 94 -12.91 17.28 23.88
N SER I 95 -14.19 17.30 23.60
CA SER I 95 -14.96 16.29 22.84
C SER I 95 -15.14 16.73 21.38
N ILE I 96 -14.85 15.85 20.42
CA ILE I 96 -14.90 16.22 18.99
C ILE I 96 -16.34 16.25 18.47
N ALA I 97 -16.75 17.39 17.91
CA ALA I 97 -18.04 17.59 17.23
C ALA I 97 -17.87 17.41 15.71
N ALA I 98 -16.75 17.85 15.14
CA ALA I 98 -16.51 17.71 13.70
C ALA I 98 -15.01 17.66 13.41
N ILE I 99 -14.66 17.06 12.29
CA ILE I 99 -13.25 16.90 11.87
C ILE I 99 -13.15 17.28 10.40
N SER I 100 -12.07 17.93 10.01
CA SER I 100 -11.75 18.17 8.59
C SER I 100 -10.35 17.66 8.31
N MET I 101 -10.16 17.11 7.12
CA MET I 101 -8.87 16.59 6.63
C MET I 101 -8.63 17.18 5.25
N LYS I 102 -7.42 17.64 4.98
CA LYS I 102 -7.01 18.22 3.68
C LYS I 102 -5.50 17.99 3.56
N ASN I 103 -5.08 17.44 2.43
CA ASN I 103 -3.66 17.23 2.02
C ASN I 103 -2.77 16.52 3.06
N ALA J 1 -33.25 -1.38 -15.02
CA ALA J 1 -32.54 -0.35 -14.22
C ALA J 1 -31.58 0.42 -15.12
N PRO J 2 -31.15 1.63 -14.70
CA PRO J 2 -30.17 2.40 -15.46
C PRO J 2 -28.82 1.68 -15.57
N GLN J 3 -28.07 1.92 -16.65
CA GLN J 3 -26.78 1.23 -16.89
C GLN J 3 -25.59 2.19 -16.78
N THR J 4 -25.85 3.49 -16.60
CA THR J 4 -24.77 4.49 -16.37
C THR J 4 -25.25 5.51 -15.36
N ILE J 5 -24.31 6.22 -14.75
CA ILE J 5 -24.67 7.31 -13.80
C ILE J 5 -25.44 8.42 -14.53
N THR J 6 -25.10 8.69 -15.79
CA THR J 6 -25.81 9.75 -16.55
C THR J 6 -27.28 9.33 -16.77
N GLU J 7 -27.54 8.07 -17.13
CA GLU J 7 -28.92 7.54 -17.28
C GLU J 7 -29.65 7.59 -15.96
N LEU J 8 -29.01 7.19 -14.86
CA LEU J 8 -29.66 7.19 -13.53
C LEU J 8 -30.06 8.63 -13.18
N CYS J 9 -29.15 9.59 -13.38
N CYS J 9 -29.15 9.57 -13.38
CA CYS J 9 -29.38 11.01 -13.02
CA CYS J 9 -29.32 11.00 -12.98
C CYS J 9 -30.59 11.56 -13.79
C CYS J 9 -30.58 11.55 -13.64
N SER J 10 -30.76 11.17 -15.05
N SER J 10 -30.81 11.23 -14.91
CA SER J 10 -31.86 11.64 -15.94
CA SER J 10 -31.89 11.79 -15.76
C SER J 10 -33.24 11.21 -15.40
C SER J 10 -33.26 11.23 -15.37
N GLU J 11 -33.31 10.23 -14.49
CA GLU J 11 -34.60 9.68 -13.97
C GLU J 11 -35.17 10.57 -12.87
N TYR J 12 -34.44 11.55 -12.37
CA TYR J 12 -34.85 12.38 -11.20
C TYR J 12 -35.00 13.85 -11.60
N ARG J 13 -35.94 14.50 -10.93
CA ARG J 13 -36.09 15.97 -10.96
C ARG J 13 -34.97 16.61 -10.16
N ASN J 14 -34.52 17.78 -10.59
CA ASN J 14 -33.56 18.63 -9.85
C ASN J 14 -32.22 17.91 -9.73
N THR J 15 -31.82 17.11 -10.70
CA THR J 15 -30.44 16.53 -10.66
C THR J 15 -29.60 17.04 -11.82
N GLN J 16 -28.31 17.02 -11.64
CA GLN J 16 -27.36 17.37 -12.71
C GLN J 16 -26.13 16.46 -12.54
N ILE J 17 -25.56 16.08 -13.68
CA ILE J 17 -24.30 15.29 -13.72
C ILE J 17 -23.15 16.26 -13.86
N TYR J 18 -22.16 16.14 -13.01
CA TYR J 18 -20.90 16.93 -13.04
C TYR J 18 -19.76 15.96 -13.32
N THR J 19 -18.91 16.26 -14.30
CA THR J 19 -17.65 15.53 -14.53
C THR J 19 -16.57 16.18 -13.68
N ILE J 20 -16.00 15.41 -12.79
CA ILE J 20 -15.00 15.84 -11.77
C ILE J 20 -13.59 15.44 -12.22
N ASN J 21 -13.37 14.17 -12.53
CA ASN J 21 -12.05 13.67 -12.98
C ASN J 21 -10.96 14.12 -11.97
N ASP J 22 -11.19 13.90 -10.68
CA ASP J 22 -10.19 14.30 -9.66
C ASP J 22 -10.42 13.54 -8.36
N LYS J 23 -9.38 13.51 -7.55
CA LYS J 23 -9.45 13.04 -6.15
C LYS J 23 -10.08 14.12 -5.28
N ILE J 24 -10.62 13.70 -4.14
CA ILE J 24 -11.18 14.65 -3.15
C ILE J 24 -10.03 15.44 -2.51
N LEU J 25 -10.15 16.77 -2.45
CA LEU J 25 -9.16 17.65 -1.79
C LEU J 25 -9.40 17.65 -0.27
N SER J 26 -10.64 17.81 0.18
CA SER J 26 -10.93 17.84 1.64
C SER J 26 -12.17 17.04 1.97
N TYR J 27 -12.16 16.45 3.16
CA TYR J 27 -13.26 15.65 3.73
C TYR J 27 -13.59 16.24 5.08
N THR J 28 -14.86 16.58 5.31
CA THR J 28 -15.34 17.11 6.61
C THR J 28 -16.49 16.24 7.09
N GLU J 29 -16.47 15.85 8.35
CA GLU J 29 -17.50 14.99 8.95
C GLU J 29 -17.95 15.65 10.24
N SER J 30 -19.26 15.80 10.42
CA SER J 30 -19.86 16.38 11.64
C SER J 30 -20.82 15.40 12.30
N MET J 31 -20.75 15.31 13.62
CA MET J 31 -21.74 14.59 14.45
C MET J 31 -22.44 15.58 15.37
N ALA J 32 -22.38 16.87 15.06
CA ALA J 32 -23.08 17.90 15.85
C ALA J 32 -24.58 17.77 15.57
N GLY J 33 -25.41 17.90 16.62
CA GLY J 33 -26.87 17.64 16.56
C GLY J 33 -27.56 18.39 15.45
N LYS J 34 -28.36 17.71 14.61
CA LYS J 34 -29.07 18.28 13.45
C LYS J 34 -28.15 18.56 12.25
N ARG J 35 -26.84 18.33 12.40
CA ARG J 35 -25.85 18.55 11.30
C ARG J 35 -24.98 17.30 11.14
N GLU J 36 -25.58 16.12 11.26
CA GLU J 36 -24.83 14.85 11.06
C GLU J 36 -24.61 14.72 9.56
N MET J 37 -23.52 15.23 9.01
CA MET J 37 -23.37 15.42 7.55
C MET J 37 -21.90 15.25 7.21
N VAL J 38 -21.64 15.02 5.93
CA VAL J 38 -20.30 14.97 5.33
C VAL J 38 -20.26 16.08 4.28
N ILE J 39 -19.15 16.80 4.19
CA ILE J 39 -18.87 17.75 3.10
C ILE J 39 -17.58 17.35 2.41
N ILE J 40 -17.55 17.32 1.08
CA ILE J 40 -16.30 17.10 0.33
C ILE J 40 -16.04 18.30 -0.58
N THR J 41 -14.77 18.62 -0.81
CA THR J 41 -14.37 19.68 -1.76
C THR J 41 -13.30 19.17 -2.72
N PHE J 42 -13.23 19.77 -3.88
CA PHE J 42 -12.25 19.48 -4.95
C PHE J 42 -11.46 20.74 -5.26
N LYS J 43 -10.22 20.55 -5.71
CA LYS J 43 -9.31 21.68 -6.04
C LYS J 43 -9.89 22.49 -7.21
N SER J 44 -10.67 21.85 -8.09
CA SER J 44 -11.32 22.53 -9.24
C SER J 44 -12.35 23.56 -8.77
N GLY J 45 -12.78 23.48 -7.52
CA GLY J 45 -13.58 24.57 -6.91
C GLY J 45 -15.01 24.13 -6.64
N GLU J 46 -15.30 22.83 -6.55
CA GLU J 46 -16.66 22.33 -6.23
C GLU J 46 -16.72 21.91 -4.75
N THR J 47 -17.85 22.13 -4.10
CA THR J 47 -18.17 21.62 -2.75
C THR J 47 -19.51 20.87 -2.82
N PHE J 48 -19.59 19.72 -2.17
CA PHE J 48 -20.81 18.87 -2.15
C PHE J 48 -21.07 18.38 -0.74
N GLN J 49 -22.31 18.03 -0.45
CA GLN J 49 -22.68 17.44 0.86
C GLN J 49 -23.34 16.08 0.63
N VAL J 50 -23.30 15.28 1.67
CA VAL J 50 -24.29 14.21 1.94
C VAL J 50 -25.17 14.74 3.06
N GLU J 51 -26.46 14.83 2.76
CA GLU J 51 -27.45 15.56 3.60
C GLU J 51 -27.62 14.81 4.92
N VAL J 52 -27.99 15.54 5.95
CA VAL J 52 -28.58 15.02 7.22
C VAL J 52 -29.82 14.22 6.85
N PRO J 53 -29.96 12.95 7.32
CA PRO J 53 -31.18 12.17 7.07
C PRO J 53 -32.43 12.91 7.57
N GLY J 54 -33.51 12.86 6.78
CA GLY J 54 -34.74 13.62 7.04
C GLY J 54 -35.91 13.03 6.28
N SER J 55 -37.01 13.77 6.20
CA SER J 55 -38.28 13.35 5.53
C SER J 55 -38.15 13.29 4.00
N GLN J 56 -37.11 13.88 3.43
CA GLN J 56 -36.76 13.74 1.98
C GLN J 56 -36.16 12.36 1.66
N HIS J 57 -36.01 11.49 2.67
CA HIS J 57 -35.36 10.15 2.53
C HIS J 57 -36.36 9.04 2.92
N ILE J 58 -36.59 8.06 2.03
CA ILE J 58 -37.43 6.88 2.32
C ILE J 58 -36.56 5.89 3.10
N ASP J 59 -37.16 4.83 3.65
CA ASP J 59 -36.47 3.86 4.55
C ASP J 59 -35.29 3.18 3.81
N SER J 60 -35.46 2.82 2.54
CA SER J 60 -34.41 2.13 1.73
C SER J 60 -33.17 3.04 1.58
N GLN J 61 -33.37 4.34 1.55
CA GLN J 61 -32.24 5.30 1.54
C GLN J 61 -31.51 5.38 2.87
N LYS J 62 -31.96 4.98 4.04
CA LYS J 62 -31.18 5.19 5.29
C LYS J 62 -29.82 4.44 5.21
N LYS J 63 -29.89 3.16 4.84
N LYS J 63 -29.87 3.14 4.91
CA LYS J 63 -28.65 2.34 4.72
CA LYS J 63 -28.65 2.30 4.71
C LYS J 63 -27.77 2.89 3.60
C LYS J 63 -27.77 2.92 3.61
N ALA J 64 -28.38 3.36 2.51
CA ALA J 64 -27.63 3.90 1.36
C ALA J 64 -26.92 5.20 1.75
N ILE J 65 -27.49 6.04 2.61
CA ILE J 65 -26.83 7.29 3.09
C ILE J 65 -25.59 6.90 3.89
N GLU J 66 -25.72 5.91 4.75
CA GLU J 66 -24.57 5.47 5.57
C GLU J 66 -23.48 4.90 4.63
N ARG J 67 -23.88 4.12 3.62
CA ARG J 67 -22.93 3.55 2.65
C ARG J 67 -22.21 4.68 1.90
N MET J 68 -22.93 5.70 1.45
CA MET J 68 -22.30 6.79 0.67
C MET J 68 -21.28 7.52 1.54
N LYS J 69 -21.59 7.76 2.81
CA LYS J 69 -20.60 8.42 3.71
C LYS J 69 -19.36 7.52 3.85
N ASP J 70 -19.55 6.21 3.99
CA ASP J 70 -18.42 5.24 4.06
C ASP J 70 -17.59 5.34 2.76
N THR J 71 -18.27 5.37 1.62
CA THR J 71 -17.57 5.42 0.31
C THR J 71 -16.76 6.70 0.20
N LEU J 72 -17.31 7.85 0.57
CA LEU J 72 -16.57 9.13 0.43
C LEU J 72 -15.34 9.11 1.35
N ARG J 73 -15.45 8.58 2.56
CA ARG J 73 -14.29 8.56 3.49
C ARG J 73 -13.16 7.73 2.88
N ILE J 74 -13.43 6.50 2.43
CA ILE J 74 -12.36 5.62 1.92
C ILE J 74 -11.84 6.15 0.57
N THR J 75 -12.70 6.75 -0.23
CA THR J 75 -12.28 7.39 -1.51
C THR J 75 -11.27 8.50 -1.18
N TYR J 76 -11.58 9.35 -0.19
CA TYR J 76 -10.66 10.43 0.23
C TYR J 76 -9.33 9.82 0.70
N LEU J 77 -9.38 8.85 1.61
CA LEU J 77 -8.13 8.36 2.25
C LEU J 77 -7.24 7.64 1.25
N THR J 78 -7.81 7.00 0.22
CA THR J 78 -7.05 6.23 -0.79
C THR J 78 -6.68 7.12 -1.98
N GLU J 79 -7.06 8.41 -1.97
CA GLU J 79 -6.76 9.36 -3.08
C GLU J 79 -7.30 8.79 -4.39
N THR J 80 -8.46 8.16 -4.34
CA THR J 80 -9.09 7.54 -5.52
C THR J 80 -9.78 8.63 -6.35
N LYS J 81 -9.63 8.59 -7.67
CA LYS J 81 -10.24 9.60 -8.56
C LYS J 81 -11.74 9.36 -8.67
N ILE J 82 -12.52 10.42 -8.54
CA ILE J 82 -13.98 10.44 -8.84
C ILE J 82 -14.12 10.88 -10.31
N ASP J 83 -14.89 10.12 -11.08
CA ASP J 83 -15.20 10.41 -12.48
C ASP J 83 -16.34 11.43 -12.48
N LYS J 84 -17.53 11.02 -12.12
CA LYS J 84 -18.75 11.87 -12.17
C LYS J 84 -19.49 11.85 -10.84
N LEU J 85 -20.18 12.96 -10.56
CA LEU J 85 -21.19 13.02 -9.47
C LEU J 85 -22.53 13.35 -10.09
N CYS J 86 -23.57 12.65 -9.65
CA CYS J 86 -24.97 13.05 -9.86
C CYS J 86 -25.43 13.76 -8.57
N VAL J 87 -25.84 15.03 -8.71
CA VAL J 87 -26.21 15.81 -7.51
C VAL J 87 -27.61 16.38 -7.63
N TRP J 88 -28.29 16.49 -6.49
CA TRP J 88 -29.50 17.32 -6.34
C TRP J 88 -29.06 18.78 -6.28
N ASN J 89 -29.47 19.57 -7.27
CA ASN J 89 -28.98 20.96 -7.47
C ASN J 89 -29.96 21.92 -6.82
N ASN J 90 -30.96 21.43 -6.07
CA ASN J 90 -31.90 22.30 -5.33
C ASN J 90 -31.41 22.51 -3.90
N LYS J 91 -30.27 21.92 -3.50
CA LYS J 91 -29.71 22.05 -2.13
C LYS J 91 -28.44 22.90 -2.17
N THR J 92 -28.07 23.48 -1.03
CA THR J 92 -26.83 24.28 -0.89
C THR J 92 -26.00 23.71 0.25
N PRO J 93 -24.77 23.22 0.00
CA PRO J 93 -24.26 22.95 -1.34
C PRO J 93 -25.03 21.77 -1.97
N ASN J 94 -24.79 21.56 -3.25
CA ASN J 94 -25.41 20.43 -3.98
C ASN J 94 -25.15 19.13 -3.22
N SER J 95 -26.19 18.29 -3.25
CA SER J 95 -26.31 17.07 -2.42
C SER J 95 -26.06 15.85 -3.29
N ILE J 96 -25.18 14.93 -2.87
CA ILE J 96 -24.78 13.80 -3.73
C ILE J 96 -25.87 12.72 -3.78
N ALA J 97 -26.35 12.39 -4.97
CA ALA J 97 -27.29 11.28 -5.26
C ALA J 97 -26.50 10.05 -5.71
N ALA J 98 -25.45 10.22 -6.49
CA ALA J 98 -24.66 9.07 -6.97
C ALA J 98 -23.23 9.51 -7.29
N ILE J 99 -22.34 8.55 -7.23
CA ILE J 99 -20.91 8.75 -7.49
C ILE J 99 -20.42 7.68 -8.43
N SER J 100 -19.52 8.03 -9.35
CA SER J 100 -18.78 7.05 -10.15
C SER J 100 -17.29 7.31 -10.00
N MET J 101 -16.52 6.25 -9.92
CA MET J 101 -15.04 6.28 -9.83
C MET J 101 -14.44 5.47 -10.96
N LYS J 102 -13.43 6.03 -11.62
CA LYS J 102 -12.76 5.45 -12.79
C LYS J 102 -11.34 6.04 -12.83
N ASN J 103 -10.33 5.23 -13.11
CA ASN J 103 -8.94 5.68 -13.41
C ASN J 103 -8.29 6.24 -12.15
C2 BGC K . 50.28 -9.02 9.07
C3 BGC K . 48.88 -9.00 8.48
C4 BGC K . 48.08 -7.84 9.08
C5 BGC K . 48.86 -6.52 8.97
C6 BGC K . 48.24 -5.35 9.71
C1 BGC K . 50.97 -7.67 8.89
O1 BGC K . 52.24 -7.64 9.42
O2 BGC K . 51.06 -10.07 8.49
O3 BGC K . 48.21 -10.23 8.78
O4 BGC K . 46.86 -7.73 8.34
O5 BGC K . 50.12 -6.72 9.56
O6 BGC K . 47.70 -5.74 11.00
C1 GAL K . 45.72 -7.43 9.07
C2 GAL K . 44.62 -6.95 8.13
C3 GAL K . 43.38 -6.70 8.90
C4 GAL K . 42.98 -7.91 9.73
C5 GAL K . 44.15 -8.34 10.64
C6 GAL K . 43.85 -9.60 11.42
O2 GAL K . 45.00 -5.72 7.48
O3 GAL K . 42.33 -6.33 7.97
O4 GAL K . 42.64 -9.02 8.84
O5 GAL K . 45.30 -8.57 9.81
O6 GAL K . 44.61 -9.59 12.66
C1 NAG K . 41.53 -5.24 8.35
C2 NAG K . 40.52 -4.92 7.27
C3 NAG K . 39.60 -3.81 7.77
C4 NAG K . 39.04 -4.07 9.16
C5 NAG K . 40.11 -4.53 10.15
C6 NAG K . 39.50 -5.10 11.41
C7 NAG K . 41.43 -5.36 5.00
C8 NAG K . 42.28 -4.80 3.90
N2 NAG K . 41.18 -4.53 6.03
O3 NAG K . 38.50 -3.68 6.86
O4 NAG K . 38.47 -2.83 9.63
O5 NAG K . 40.85 -5.59 9.57
O6 NAG K . 40.45 -5.07 12.46
O7 NAG K . 40.98 -6.49 4.94
C1 GAL K . 37.09 -2.83 9.84
C2 GAL K . 36.72 -1.87 10.99
C3 GAL K . 35.20 -1.83 11.14
C4 GAL K . 34.52 -1.54 9.82
C5 GAL K . 35.03 -2.43 8.71
C6 GAL K . 34.51 -2.00 7.34
O2 GAL K . 37.31 -2.35 12.19
O3 GAL K . 34.79 -0.80 12.07
O4 GAL K . 34.74 -0.17 9.49
O5 GAL K . 36.44 -2.39 8.63
O6 GAL K . 35.04 -2.87 6.32
C1 NAG K . 45.95 -9.95 12.49
C2 NAG K . 46.75 -9.54 13.74
C3 NAG K . 48.18 -10.06 13.57
C4 NAG K . 48.19 -11.56 13.31
C5 NAG K . 47.35 -11.84 12.07
C6 NAG K . 47.22 -13.31 11.76
C7 NAG K . 46.60 -7.51 15.18
C8 NAG K . 46.73 -6.03 15.15
N2 NAG K . 46.65 -8.11 13.98
O3 NAG K . 48.96 -9.78 14.72
O4 NAG K . 49.49 -12.09 13.06
O5 NAG K . 46.02 -11.35 12.31
O6 NAG K . 46.40 -13.91 12.77
O7 NAG K . 46.47 -8.12 16.25
C1 GAL K . 50.12 -12.84 14.07
C2 GAL K . 51.21 -13.69 13.46
C3 GAL K . 51.99 -14.42 14.57
C4 GAL K . 52.39 -13.46 15.71
C5 GAL K . 51.22 -12.61 16.16
C6 GAL K . 51.61 -11.53 17.12
O2 GAL K . 50.56 -14.54 12.52
O3 GAL K . 53.18 -15.03 14.04
O4 GAL K . 53.45 -12.59 15.27
O5 GAL K . 50.68 -11.94 15.02
O6 GAL K . 50.44 -11.06 17.80
C2 BGC L . -50.02 13.33 -4.97
C3 BGC L . -48.70 12.64 -4.78
C4 BGC L . -47.62 13.65 -4.42
C5 BGC L . -48.06 14.51 -3.24
C6 BGC L . -47.09 15.65 -2.92
C1 BGC L . -50.37 14.18 -3.75
O1 BGC L . -51.53 14.90 -3.88
O2 BGC L . -51.11 12.44 -5.22
O3 BGC L . -48.28 11.96 -5.96
O4 BGC L . -46.44 12.93 -4.08
O5 BGC L . -49.30 15.11 -3.54
O6 BGC L . -46.65 16.35 -4.10
C1 GAL L . -45.23 13.49 -4.54
C2 GAL L . -44.05 12.90 -3.76
C3 GAL L . -42.75 13.40 -4.32
C4 GAL L . -42.67 13.17 -5.82
C5 GAL L . -43.88 13.82 -6.48
C6 GAL L . -43.90 13.69 -7.98
O2 GAL L . -44.11 13.26 -2.38
O3 GAL L . -41.69 12.64 -3.73
O4 GAL L . -42.67 11.78 -6.09
O5 GAL L . -45.09 13.25 -5.94
O6 GAL L . -44.65 14.81 -8.53
C1 NAG L . -40.66 13.42 -3.19
C2 NAG L . -39.64 12.52 -2.52
C3 NAG L . -38.41 13.32 -2.10
C4 NAG L . -37.92 14.31 -3.14
C5 NAG L . -39.11 15.10 -3.69
C6 NAG L . -38.77 16.07 -4.79
C7 NAG L . -40.66 10.55 -1.50
C8 NAG L . -41.36 9.98 -0.30
N2 NAG L . -40.19 11.80 -1.40
O3 NAG L . -37.38 12.37 -1.83
O4 NAG L . -37.02 15.26 -2.54
O5 NAG L . -40.04 14.16 -4.24
O6 NAG L . -38.24 15.35 -5.89
O7 NAG L . -40.53 9.92 -2.54
C1 GAL L . -35.66 15.12 -2.83
C2 GAL L . -34.99 16.49 -2.70
C3 GAL L . -33.50 16.34 -2.94
C4 GAL L . -32.87 15.26 -2.06
C5 GAL L . -33.64 13.95 -2.18
C6 GAL L . -33.18 12.88 -1.20
O2 GAL L . -35.56 17.42 -3.65
O3 GAL L . -32.86 17.59 -2.70
O4 GAL L . -32.87 15.69 -0.72
O5 GAL L . -35.04 14.20 -1.91
O6 GAL L . -33.94 11.70 -1.44
C1 NAG L . -46.04 14.63 -8.54
C2 NAG L . -46.71 15.96 -8.83
C3 NAG L . -48.24 15.78 -8.92
C4 NAG L . -48.58 14.63 -9.86
C5 NAG L . -47.82 13.39 -9.39
C6 NAG L . -48.08 12.15 -10.21
C7 NAG L . -45.81 18.16 -8.11
C8 NAG L . -45.61 19.07 -6.94
N2 NAG L . -46.36 16.97 -7.84
O3 NAG L . -48.87 16.99 -9.32
O4 NAG L . -49.99 14.31 -9.84
O5 NAG L . -46.41 13.65 -9.50
O6 NAG L . -47.80 12.44 -11.57
O7 NAG L . -45.50 18.48 -9.26
C1 GAL L . -50.74 14.68 -10.99
C2 GAL L . -52.05 13.90 -11.05
C3 GAL L . -52.85 14.32 -12.26
C4 GAL L . -53.06 15.83 -12.31
C5 GAL L . -51.73 16.55 -12.13
C6 GAL L . -51.84 18.05 -11.99
O2 GAL L . -51.76 12.50 -11.12
O3 GAL L . -54.11 13.65 -12.24
O4 GAL L . -54.04 16.22 -11.33
O5 GAL L . -51.04 16.08 -10.95
O6 GAL L . -50.56 18.66 -12.21
C1 GOL M . 7.81 -6.86 4.78
O1 GOL M . 6.63 -6.44 4.09
C2 GOL M . 7.52 -7.99 5.76
O2 GOL M . 6.35 -7.64 6.52
C3 GOL M . 7.38 -9.33 5.06
O3 GOL M . 7.16 -10.42 5.94
C1 GOL N . 4.60 -25.51 0.91
O1 GOL N . 5.48 -24.71 1.67
C2 GOL N . 3.27 -24.81 0.71
O2 GOL N . 2.57 -25.30 -0.45
C3 GOL N . 3.51 -23.37 0.48
O3 GOL N . 4.57 -23.33 -0.48
NA NA O . 2.39 -9.38 6.29
NA NA P . 6.61 -24.39 -0.20
NA NA Q . 4.81 -6.25 5.33
NA NA R . -2.81 -10.10 -6.41
NA NA S . 6.86 -2.35 -36.92
NA NA T . 18.15 2.10 -27.68
NA NA U . 0.68 -8.37 -4.81
NA NA V . -5.59 2.75 -7.49
NA NA W . -3.01 1.39 -10.18
NA NA X . -2.73 10.62 1.56
NA NA Y . -0.50 10.84 -2.05
NA NA Z . 20.82 5.75 21.27
NA NA AA . 4.47 5.74 8.10
NA NA BA . 2.14 3.23 10.17
CA CA CA . -20.62 -18.80 17.82
#